data_4NT1
#
_entry.id   4NT1
#
_cell.length_a   70.756
_cell.length_b   77.014
_cell.length_c   154.716
_cell.angle_alpha   90.000
_cell.angle_beta   90.000
_cell.angle_gamma   90.000
#
_symmetry.space_group_name_H-M   'P 21 21 21'
#
loop_
_entity.id
_entity.type
_entity.pdbx_description
1 polymer 'accelerated-cell-death 11'
2 non-polymer 'SODIUM ION'
3 water water
#
_entity_poly.entity_id   1
_entity_poly.type   'polypeptide(L)'
_entity_poly.pdbx_seq_one_letter_code
;SMADSEADKPLRKISAAFKKLAIIVNSPNPEVPVTQFSHACSLVSPLFGCLGIAFKFAEMDYVA(KCX)VDDLVRASSSI
STLVVMMDKDIEADCVRKAGSHTRNLLRVKRGLDMVKVLFEQIIASEGDNSLKDPATKSYAQVFAPHHGWAIRKAVSLGM
YALPTRAHLLNMLKEDEAAAKIHMQSYVNSSAPLITYLDNLFLSKQLGIDW
;
_entity_poly.pdbx_strand_id   A,B,C,D
#
loop_
_chem_comp.id
_chem_comp.type
_chem_comp.name
_chem_comp.formula
NA non-polymer 'SODIUM ION' 'Na 1'
#
# COMPACT_ATOMS: atom_id res chain seq x y z
N ASP A 8 -18.63 12.87 -24.76
CA ASP A 8 -17.74 12.10 -25.62
C ASP A 8 -16.56 11.53 -24.83
N LYS A 9 -15.62 12.40 -24.48
CA LYS A 9 -14.43 11.97 -23.72
C LYS A 9 -14.23 12.83 -22.47
N PRO A 10 -14.91 12.47 -21.38
CA PRO A 10 -14.91 13.29 -20.16
C PRO A 10 -13.52 13.54 -19.58
N LEU A 11 -12.63 12.55 -19.60
CA LEU A 11 -11.27 12.76 -19.09
C LEU A 11 -10.52 13.77 -19.94
N ARG A 12 -10.84 13.81 -21.23
CA ARG A 12 -10.15 14.72 -22.14
C ARG A 12 -10.66 16.15 -21.96
N LYS A 13 -11.95 16.30 -21.66
CA LYS A 13 -12.48 17.62 -21.35
C LYS A 13 -11.85 18.13 -20.06
N ILE A 14 -11.71 17.23 -19.09
CA ILE A 14 -11.02 17.58 -17.85
C ILE A 14 -9.57 17.98 -18.08
N SER A 15 -8.81 17.18 -18.82
CA SER A 15 -7.40 17.52 -19.02
C SER A 15 -7.22 18.83 -19.80
N ALA A 16 -8.10 19.08 -20.76
CA ALA A 16 -8.01 20.30 -21.56
C ALA A 16 -8.30 21.53 -20.70
N ALA A 17 -9.33 21.44 -19.86
CA ALA A 17 -9.72 22.58 -19.04
C ALA A 17 -8.63 22.92 -18.04
N PHE A 18 -8.04 21.90 -17.44
CA PHE A 18 -7.01 22.15 -16.42
C PHE A 18 -5.66 22.56 -17.00
N LYS A 19 -5.35 22.07 -18.20
CA LYS A 19 -4.20 22.56 -18.91
C LYS A 19 -4.27 24.08 -19.07
N LYS A 20 -5.45 24.59 -19.44
CA LYS A 20 -5.65 26.03 -19.62
C LYS A 20 -5.43 26.81 -18.31
N LEU A 21 -5.94 26.27 -17.20
CA LEU A 21 -5.77 26.91 -15.91
C LEU A 21 -4.29 26.89 -15.51
N ALA A 22 -3.59 25.79 -15.79
CA ALA A 22 -2.15 25.71 -15.46
C ALA A 22 -1.36 26.75 -16.25
N ILE A 23 -1.69 26.88 -17.52
CA ILE A 23 -1.08 27.92 -18.37
C ILE A 23 -1.27 29.32 -17.78
N ILE A 24 -2.49 29.62 -17.32
CA ILE A 24 -2.78 30.90 -16.70
C ILE A 24 -1.97 31.11 -15.41
N VAL A 25 -1.93 30.12 -14.54
CA VAL A 25 -1.21 30.23 -13.28
CA VAL A 25 -1.21 30.31 -13.28
C VAL A 25 0.29 30.41 -13.50
N ASN A 26 0.76 29.90 -14.63
CA ASN A 26 2.20 29.92 -14.92
C ASN A 26 2.57 31.07 -15.84
N SER A 27 1.59 31.91 -16.15
CA SER A 27 1.81 33.04 -17.06
C SER A 27 2.15 34.30 -16.27
N PRO A 28 2.78 35.27 -16.94
CA PRO A 28 3.05 36.56 -16.29
C PRO A 28 1.75 37.18 -15.76
N ASN A 29 1.82 37.76 -14.57
CA ASN A 29 0.65 38.38 -13.94
C ASN A 29 -0.61 37.53 -14.07
N PRO A 30 -0.65 36.38 -13.37
CA PRO A 30 -1.74 35.42 -13.54
C PRO A 30 -3.06 35.95 -12.96
N GLU A 31 -4.13 35.81 -13.73
CA GLU A 31 -5.47 36.14 -13.27
C GLU A 31 -6.39 34.99 -13.61
N VAL A 32 -6.88 34.31 -12.58
CA VAL A 32 -7.75 33.17 -12.79
C VAL A 32 -9.21 33.63 -12.76
N PRO A 33 -9.88 33.56 -13.91
CA PRO A 33 -11.29 33.99 -13.96
C PRO A 33 -12.15 33.01 -13.20
N VAL A 34 -13.13 33.53 -12.46
CA VAL A 34 -13.90 32.66 -11.60
C VAL A 34 -14.85 31.78 -12.43
N THR A 35 -15.41 32.34 -13.50
CA THR A 35 -16.30 31.59 -14.35
C THR A 35 -15.54 30.41 -14.96
N GLN A 36 -14.41 30.69 -15.62
CA GLN A 36 -13.60 29.61 -16.21
C GLN A 36 -13.21 28.54 -15.19
N PHE A 37 -12.68 28.99 -14.05
CA PHE A 37 -12.30 28.08 -12.96
C PHE A 37 -13.46 27.22 -12.50
N SER A 38 -14.60 27.84 -12.22
CA SER A 38 -15.73 27.08 -11.68
C SER A 38 -16.26 26.05 -12.69
N HIS A 39 -16.30 26.45 -13.97
CA HIS A 39 -16.68 25.52 -15.02
C HIS A 39 -15.74 24.30 -15.11
N ALA A 40 -14.44 24.54 -15.02
CA ALA A 40 -13.48 23.43 -15.05
C ALA A 40 -13.70 22.49 -13.88
N CYS A 41 -13.90 23.07 -12.71
CA CYS A 41 -14.18 22.27 -11.51
C CYS A 41 -15.44 21.43 -11.69
N SER A 42 -16.41 21.96 -12.42
CA SER A 42 -17.67 21.24 -12.64
CA SER A 42 -17.67 21.23 -12.63
C SER A 42 -17.47 20.01 -13.53
N LEU A 43 -16.43 20.02 -14.35
CA LEU A 43 -16.15 18.86 -15.18
C LEU A 43 -15.69 17.67 -14.34
N VAL A 44 -15.12 17.97 -13.18
CA VAL A 44 -14.63 16.95 -12.26
C VAL A 44 -15.77 16.36 -11.40
N SER A 45 -16.81 17.13 -11.16
CA SER A 45 -17.87 16.69 -10.24
C SER A 45 -18.38 15.26 -10.45
N PRO A 46 -18.64 14.86 -11.71
CA PRO A 46 -19.24 13.54 -11.91
C PRO A 46 -18.32 12.39 -11.56
N LEU A 47 -17.02 12.63 -11.42
CA LEU A 47 -16.11 11.55 -11.05
C LEU A 47 -16.47 10.96 -9.68
N PHE A 48 -16.90 11.80 -8.75
CA PHE A 48 -17.20 11.30 -7.41
C PHE A 48 -18.35 10.30 -7.45
N GLY A 49 -19.35 10.58 -8.28
CA GLY A 49 -20.48 9.68 -8.43
C GLY A 49 -20.03 8.36 -9.01
N CYS A 50 -19.06 8.42 -9.92
CA CYS A 50 -18.49 7.23 -10.52
C CYS A 50 -17.91 6.28 -9.48
N LEU A 51 -17.29 6.84 -8.44
CA LEU A 51 -16.64 6.02 -7.40
C LEU A 51 -17.63 5.32 -6.47
N GLY A 52 -18.88 5.77 -6.48
CA GLY A 52 -19.92 5.10 -5.71
C GLY A 52 -20.17 5.65 -4.31
N ILE A 53 -20.88 4.88 -3.52
CA ILE A 53 -21.39 5.33 -2.22
C ILE A 53 -20.32 5.77 -1.22
N ALA A 54 -19.10 5.26 -1.35
CA ALA A 54 -18.02 5.67 -0.44
C ALA A 54 -17.88 7.19 -0.48
N PHE A 55 -18.15 7.76 -1.64
CA PHE A 55 -17.90 9.18 -1.88
C PHE A 55 -19.17 10.02 -1.96
N LYS A 56 -20.24 9.54 -1.33
CA LYS A 56 -21.47 10.32 -1.22
C LYS A 56 -21.23 11.69 -0.57
N PHE A 57 -20.26 11.76 0.34
CA PHE A 57 -19.95 13.02 1.04
C PHE A 57 -19.60 14.13 0.06
N ALA A 58 -19.05 13.74 -1.08
CA ALA A 58 -18.58 14.72 -2.05
C ALA A 58 -19.72 15.47 -2.70
N GLU A 59 -20.93 14.92 -2.64
CA GLU A 59 -22.08 15.64 -3.19
C GLU A 59 -22.27 17.00 -2.49
N MET A 60 -22.23 17.03 -1.17
CA MET A 60 -22.29 18.31 -0.45
C MET A 60 -20.91 18.98 -0.29
N ASP A 61 -19.87 18.18 -0.07
CA ASP A 61 -18.54 18.71 0.21
C ASP A 61 -17.84 19.29 -1.02
N TYR A 62 -18.20 18.79 -2.20
CA TYR A 62 -17.56 19.28 -3.42
C TYR A 62 -18.57 19.75 -4.46
N VAL A 63 -19.45 18.87 -4.90
CA VAL A 63 -20.32 19.17 -6.04
C VAL A 63 -21.21 20.40 -5.80
N ALA A 64 -21.87 20.44 -4.65
CA ALA A 64 -22.73 21.58 -4.33
C ALA A 64 -21.92 22.88 -4.19
N KCX A 65 -20.68 22.75 -3.73
CA KCX A 65 -19.81 23.90 -3.54
CB KCX A 65 -18.59 23.55 -2.69
CG KCX A 65 -18.93 23.06 -1.27
CD KCX A 65 -19.56 24.14 -0.43
CE KCX A 65 -19.98 23.63 0.96
NZ KCX A 65 -21.21 22.80 0.89
C KCX A 65 -19.36 24.45 -4.89
O KCX A 65 -19.30 25.67 -5.09
N VAL A 66 -19.03 23.54 -5.81
CA VAL A 66 -18.73 23.95 -7.18
C VAL A 66 -19.95 24.66 -7.76
N ASP A 67 -21.13 24.06 -7.60
CA ASP A 67 -22.33 24.67 -8.17
C ASP A 67 -22.59 26.05 -7.56
N ASP A 68 -22.29 26.23 -6.27
CA ASP A 68 -22.41 27.53 -5.63
C ASP A 68 -21.47 28.56 -6.28
N LEU A 69 -20.25 28.15 -6.61
CA LEU A 69 -19.31 29.05 -7.24
C LEU A 69 -19.71 29.37 -8.69
N VAL A 70 -20.21 28.37 -9.40
CA VAL A 70 -20.66 28.59 -10.78
C VAL A 70 -21.78 29.63 -10.77
N ARG A 71 -22.77 29.42 -9.91
CA ARG A 71 -23.87 30.36 -9.76
C ARG A 71 -23.35 31.76 -9.47
N ALA A 72 -22.42 31.86 -8.51
CA ALA A 72 -21.89 33.15 -8.09
C ALA A 72 -20.96 33.81 -9.10
N SER A 73 -20.33 32.99 -9.94
CA SER A 73 -19.31 33.47 -10.86
C SER A 73 -19.77 34.59 -11.79
N SER A 74 -21.08 34.73 -11.98
CA SER A 74 -21.59 35.74 -12.90
C SER A 74 -21.28 37.16 -12.44
N SER A 75 -20.94 37.31 -11.17
CA SER A 75 -20.67 38.62 -10.58
C SER A 75 -19.25 38.79 -10.06
N ILE A 76 -18.37 37.82 -10.34
CA ILE A 76 -17.01 37.89 -9.81
C ILE A 76 -16.01 37.76 -10.93
N SER A 77 -14.97 38.59 -10.95
CA SER A 77 -13.99 38.51 -12.03
C SER A 77 -12.94 37.44 -11.81
N THR A 78 -12.09 37.62 -10.81
CA THR A 78 -10.96 36.73 -10.60
C THR A 78 -10.93 36.19 -9.17
N LEU A 79 -10.20 35.09 -8.95
CA LEU A 79 -10.11 34.50 -7.62
C LEU A 79 -9.51 35.46 -6.61
N VAL A 80 -8.50 36.22 -7.03
CA VAL A 80 -7.87 37.21 -6.15
C VAL A 80 -8.87 38.27 -5.70
N VAL A 81 -9.60 38.84 -6.65
CA VAL A 81 -10.61 39.85 -6.33
C VAL A 81 -11.67 39.26 -5.40
N MET A 82 -12.10 38.04 -5.70
CA MET A 82 -13.09 37.34 -4.90
C MET A 82 -12.64 37.23 -3.44
N MET A 83 -11.40 36.78 -3.24
CA MET A 83 -10.89 36.61 -1.89
C MET A 83 -10.64 37.94 -1.19
N ASP A 84 -10.13 38.92 -1.93
CA ASP A 84 -9.89 40.23 -1.33
C ASP A 84 -11.19 40.82 -0.77
N LYS A 85 -12.31 40.65 -1.47
CA LYS A 85 -13.58 41.19 -0.98
C LYS A 85 -14.04 40.50 0.31
N ASP A 86 -13.74 39.20 0.44
CA ASP A 86 -14.05 38.50 1.68
C ASP A 86 -13.16 38.99 2.83
N ILE A 87 -11.90 39.27 2.52
CA ILE A 87 -10.97 39.78 3.52
C ILE A 87 -11.41 41.18 3.99
N GLU A 88 -11.86 41.99 3.04
CA GLU A 88 -12.30 43.36 3.32
C GLU A 88 -13.52 43.36 4.24
N ALA A 89 -14.43 42.42 4.00
CA ALA A 89 -15.65 42.32 4.80
C ALA A 89 -15.47 41.45 6.03
N ASP A 90 -14.27 40.87 6.17
CA ASP A 90 -13.94 39.99 7.28
C ASP A 90 -14.91 38.82 7.39
N CYS A 91 -15.23 38.19 6.26
CA CYS A 91 -16.18 37.08 6.23
C CYS A 91 -15.59 35.80 5.63
N VAL A 92 -14.27 35.70 5.65
CA VAL A 92 -13.59 34.56 5.04
C VAL A 92 -14.16 33.21 5.48
N ARG A 93 -14.32 33.02 6.78
CA ARG A 93 -14.72 31.72 7.30
C ARG A 93 -16.22 31.56 7.51
N LYS A 94 -16.98 32.57 7.13
CA LYS A 94 -18.43 32.49 7.23
C LYS A 94 -18.98 31.40 6.34
N ALA A 95 -20.03 30.72 6.81
CA ALA A 95 -20.67 29.70 6.00
C ALA A 95 -21.09 30.31 4.67
N GLY A 96 -20.81 29.59 3.58
CA GLY A 96 -21.26 30.02 2.26
C GLY A 96 -20.49 31.16 1.64
N SER A 97 -19.43 31.65 2.30
CA SER A 97 -18.58 32.66 1.66
C SER A 97 -17.86 32.07 0.44
N HIS A 98 -17.60 32.91 -0.55
CA HIS A 98 -16.90 32.48 -1.75
C HIS A 98 -15.58 31.81 -1.40
N THR A 99 -14.86 32.37 -0.43
CA THR A 99 -13.53 31.91 -0.09
C THR A 99 -13.59 30.58 0.66
N ARG A 100 -14.57 30.43 1.53
CA ARG A 100 -14.80 29.15 2.20
C ARG A 100 -15.11 28.07 1.17
N ASN A 101 -15.99 28.38 0.22
CA ASN A 101 -16.33 27.40 -0.79
C ASN A 101 -15.14 27.08 -1.69
N LEU A 102 -14.32 28.09 -1.97
CA LEU A 102 -13.08 27.86 -2.71
C LEU A 102 -12.17 26.85 -2.02
N LEU A 103 -12.00 26.99 -0.70
CA LEU A 103 -11.16 26.05 0.04
C LEU A 103 -11.70 24.63 -0.10
N ARG A 104 -13.02 24.48 -0.01
CA ARG A 104 -13.62 23.15 -0.17
C ARG A 104 -13.41 22.57 -1.57
N VAL A 105 -13.56 23.42 -2.59
CA VAL A 105 -13.34 22.99 -3.96
C VAL A 105 -11.88 22.58 -4.17
N LYS A 106 -10.96 23.38 -3.65
CA LYS A 106 -9.55 23.03 -3.74
C LYS A 106 -9.29 21.60 -3.23
N ARG A 107 -9.89 21.25 -2.10
CA ARG A 107 -9.67 19.91 -1.54
C ARG A 107 -10.14 18.81 -2.50
N GLY A 108 -11.27 19.02 -3.16
CA GLY A 108 -11.75 18.07 -4.13
C GLY A 108 -10.78 17.88 -5.30
N LEU A 109 -10.25 18.99 -5.82
CA LEU A 109 -9.28 18.92 -6.91
C LEU A 109 -8.06 18.14 -6.47
N ASP A 110 -7.64 18.36 -5.23
CA ASP A 110 -6.47 17.68 -4.67
C ASP A 110 -6.77 16.18 -4.50
N MET A 111 -7.94 15.83 -4.00
CA MET A 111 -8.26 14.41 -3.87
C MET A 111 -8.22 13.69 -5.23
N VAL A 112 -8.76 14.33 -6.26
CA VAL A 112 -8.75 13.75 -7.59
C VAL A 112 -7.31 13.64 -8.09
N LYS A 113 -6.50 14.67 -7.87
CA LYS A 113 -5.10 14.60 -8.23
C LYS A 113 -4.40 13.37 -7.61
N VAL A 114 -4.60 13.16 -6.30
CA VAL A 114 -3.96 12.02 -5.62
C VAL A 114 -4.55 10.71 -6.09
N LEU A 115 -5.87 10.68 -6.26
CA LEU A 115 -6.52 9.51 -6.83
C LEU A 115 -5.86 9.10 -8.15
N PHE A 116 -5.72 10.05 -9.08
CA PHE A 116 -5.08 9.79 -10.36
C PHE A 116 -3.62 9.34 -10.22
N GLU A 117 -2.86 10.03 -9.39
CA GLU A 117 -1.48 9.63 -9.12
C GLU A 117 -1.44 8.18 -8.66
N GLN A 118 -2.36 7.82 -7.78
CA GLN A 118 -2.33 6.48 -7.19
C GLN A 118 -2.79 5.41 -8.17
N ILE A 119 -3.75 5.75 -9.02
CA ILE A 119 -4.17 4.84 -10.08
C ILE A 119 -2.98 4.56 -11.00
N ILE A 120 -2.30 5.61 -11.42
CA ILE A 120 -1.12 5.43 -12.27
C ILE A 120 -0.05 4.59 -11.58
N ALA A 121 0.22 4.90 -10.33
CA ALA A 121 1.25 4.21 -9.56
C ALA A 121 0.91 2.74 -9.30
N SER A 122 -0.37 2.41 -9.30
CA SER A 122 -0.76 1.02 -9.03
C SER A 122 -1.08 0.22 -10.30
N GLU A 123 -0.64 0.71 -11.46
CA GLU A 123 -0.89 0.05 -12.72
C GLU A 123 -0.57 -1.45 -12.61
N GLY A 124 -1.49 -2.30 -13.05
CA GLY A 124 -1.34 -3.74 -12.90
C GLY A 124 -2.28 -4.29 -11.84
N ASP A 125 -2.73 -3.40 -10.96
CA ASP A 125 -3.76 -3.75 -9.98
C ASP A 125 -5.13 -3.56 -10.61
N ASN A 126 -6.01 -4.52 -10.44
CA ASN A 126 -7.33 -4.44 -11.06
C ASN A 126 -8.36 -3.75 -10.15
N SER A 127 -7.95 -3.51 -8.91
CA SER A 127 -8.82 -2.88 -7.92
C SER A 127 -8.52 -1.38 -7.79
N LEU A 128 -9.55 -0.61 -7.43
CA LEU A 128 -9.36 0.82 -7.12
C LEU A 128 -9.29 1.07 -5.63
N LYS A 129 -9.34 0.01 -4.82
CA LYS A 129 -9.48 0.19 -3.38
C LYS A 129 -8.34 1.00 -2.76
N ASP A 130 -7.09 0.64 -3.05
CA ASP A 130 -5.97 1.38 -2.50
C ASP A 130 -5.88 2.85 -2.98
N PRO A 131 -5.97 3.09 -4.30
CA PRO A 131 -5.97 4.50 -4.73
C PRO A 131 -7.10 5.32 -4.13
N ALA A 132 -8.32 4.79 -4.11
CA ALA A 132 -9.44 5.54 -3.55
C ALA A 132 -9.26 5.76 -2.03
N THR A 133 -8.82 4.70 -1.35
CA THR A 133 -8.56 4.82 0.09
C THR A 133 -7.44 5.80 0.42
N LYS A 134 -6.33 5.72 -0.31
CA LYS A 134 -5.18 6.58 -0.04
C LYS A 134 -5.49 8.06 -0.32
N SER A 135 -6.21 8.32 -1.39
CA SER A 135 -6.54 9.70 -1.73
C SER A 135 -7.53 10.27 -0.71
N TYR A 136 -8.50 9.45 -0.29
CA TYR A 136 -9.45 9.91 0.72
C TYR A 136 -8.77 10.19 2.06
N ALA A 137 -7.93 9.25 2.49
CA ALA A 137 -7.28 9.37 3.80
C ALA A 137 -6.31 10.55 3.86
N GLN A 138 -5.64 10.84 2.75
CA GLN A 138 -4.72 11.97 2.72
C GLN A 138 -5.45 13.31 2.69
N VAL A 139 -6.48 13.40 1.86
CA VAL A 139 -7.09 14.70 1.59
C VAL A 139 -8.31 15.02 2.46
N PHE A 140 -9.21 14.07 2.61
CA PHE A 140 -10.49 14.35 3.27
C PHE A 140 -10.62 13.86 4.70
N ALA A 141 -10.03 12.71 5.02
CA ALA A 141 -10.15 12.20 6.38
C ALA A 141 -9.80 13.24 7.47
N PRO A 142 -8.75 14.06 7.26
CA PRO A 142 -8.40 15.02 8.32
C PRO A 142 -9.48 16.06 8.59
N HIS A 143 -10.47 16.16 7.72
CA HIS A 143 -11.47 17.22 7.81
C HIS A 143 -12.84 16.64 8.11
N HIS A 144 -12.87 15.32 8.28
CA HIS A 144 -14.11 14.58 8.51
C HIS A 144 -14.17 13.99 9.90
N GLY A 145 -15.35 14.07 10.53
CA GLY A 145 -15.57 13.45 11.82
C GLY A 145 -15.51 11.93 11.70
N TRP A 146 -15.26 11.26 12.82
CA TRP A 146 -15.12 9.80 12.82
C TRP A 146 -16.27 9.06 12.15
N ALA A 147 -17.51 9.47 12.42
CA ALA A 147 -18.67 8.77 11.85
C ALA A 147 -18.68 8.85 10.32
N ILE A 148 -18.23 9.96 9.77
CA ILE A 148 -18.11 10.07 8.31
C ILE A 148 -17.01 9.13 7.78
N ARG A 149 -15.86 9.15 8.44
CA ARG A 149 -14.74 8.27 8.06
C ARG A 149 -15.17 6.81 8.04
N LYS A 150 -15.91 6.39 9.06
CA LYS A 150 -16.40 5.02 9.12
C LYS A 150 -17.30 4.71 7.92
N ALA A 151 -18.22 5.61 7.63
CA ALA A 151 -19.13 5.42 6.50
C ALA A 151 -18.37 5.25 5.18
N VAL A 152 -17.34 6.06 5.00
CA VAL A 152 -16.51 5.99 3.78
C VAL A 152 -15.89 4.61 3.66
N SER A 153 -15.27 4.15 4.73
CA SER A 153 -14.58 2.86 4.73
C SER A 153 -15.52 1.71 4.35
N LEU A 154 -16.80 1.85 4.67
CA LEU A 154 -17.75 0.77 4.42
C LEU A 154 -18.19 0.76 2.96
N GLY A 155 -18.13 1.92 2.31
CA GLY A 155 -18.53 2.04 0.92
C GLY A 155 -17.47 1.60 -0.07
N MET A 156 -16.25 1.36 0.41
CA MET A 156 -15.14 1.02 -0.47
C MET A 156 -15.36 -0.27 -1.26
N TYR A 157 -16.13 -1.20 -0.69
CA TYR A 157 -16.40 -2.47 -1.36
C TYR A 157 -17.19 -2.25 -2.64
N ALA A 158 -17.88 -1.11 -2.68
CA ALA A 158 -18.77 -0.80 -3.80
C ALA A 158 -18.10 0.08 -4.85
N LEU A 159 -16.78 0.23 -4.77
CA LEU A 159 -16.06 0.91 -5.83
C LEU A 159 -16.24 0.11 -7.12
N PRO A 160 -16.32 0.79 -8.26
CA PRO A 160 -16.28 0.05 -9.52
C PRO A 160 -14.91 -0.60 -9.68
N THR A 161 -14.81 -1.67 -10.46
CA THR A 161 -13.51 -2.17 -10.86
C THR A 161 -12.78 -1.10 -11.66
N ARG A 162 -11.46 -1.19 -11.70
CA ARG A 162 -10.65 -0.23 -12.44
C ARG A 162 -11.07 -0.24 -13.91
N ALA A 163 -11.30 -1.44 -14.44
CA ALA A 163 -11.76 -1.58 -15.82
C ALA A 163 -13.11 -0.93 -16.05
N HIS A 164 -14.01 -1.05 -15.08
CA HIS A 164 -15.33 -0.45 -15.20
C HIS A 164 -15.24 1.08 -15.18
N LEU A 165 -14.37 1.62 -14.33
CA LEU A 165 -14.19 3.07 -14.29
C LEU A 165 -13.71 3.59 -15.64
N LEU A 166 -12.73 2.92 -16.22
CA LEU A 166 -12.23 3.33 -17.53
C LEU A 166 -13.36 3.26 -18.55
N ASN A 167 -14.23 2.27 -18.43
CA ASN A 167 -15.37 2.15 -19.34
CA ASN A 167 -15.36 2.15 -19.33
C ASN A 167 -16.31 3.34 -19.20
N MET A 168 -16.58 3.74 -17.96
CA MET A 168 -17.43 4.89 -17.67
C MET A 168 -16.82 6.17 -18.24
N LEU A 169 -15.49 6.23 -18.28
CA LEU A 169 -14.78 7.41 -18.80
C LEU A 169 -14.47 7.31 -20.30
N LYS A 170 -14.86 6.19 -20.90
CA LYS A 170 -14.71 6.01 -22.35
C LYS A 170 -13.25 6.04 -22.81
N GLU A 171 -12.35 5.41 -22.04
CA GLU A 171 -10.94 5.36 -22.40
C GLU A 171 -10.37 3.96 -22.18
N ASP A 172 -9.30 3.61 -22.89
CA ASP A 172 -8.55 2.41 -22.54
C ASP A 172 -7.40 2.79 -21.60
N GLU A 173 -6.68 1.81 -21.08
CA GLU A 173 -5.63 2.06 -20.11
C GLU A 173 -4.61 3.09 -20.62
N ALA A 174 -4.11 2.90 -21.83
CA ALA A 174 -3.08 3.79 -22.36
C ALA A 174 -3.52 5.25 -22.40
N ALA A 175 -4.70 5.51 -22.98
CA ALA A 175 -5.21 6.87 -23.13
C ALA A 175 -5.58 7.47 -21.79
N ALA A 176 -6.17 6.66 -20.92
CA ALA A 176 -6.55 7.11 -19.59
C ALA A 176 -5.31 7.51 -18.80
N LYS A 177 -4.24 6.73 -18.91
CA LYS A 177 -3.00 7.10 -18.22
C LYS A 177 -2.51 8.47 -18.69
N ILE A 178 -2.56 8.70 -19.99
CA ILE A 178 -2.08 9.98 -20.52
C ILE A 178 -2.88 11.16 -19.99
N HIS A 179 -4.20 11.05 -20.00
CA HIS A 179 -5.02 12.17 -19.58
C HIS A 179 -5.11 12.34 -18.07
N MET A 180 -5.01 11.22 -17.34
CA MET A 180 -4.90 11.31 -15.89
C MET A 180 -3.60 12.02 -15.50
N GLN A 181 -2.50 11.60 -16.11
CA GLN A 181 -1.22 12.24 -15.83
C GLN A 181 -1.26 13.72 -16.21
N SER A 182 -1.99 14.04 -17.27
CA SER A 182 -2.10 15.44 -17.68
C SER A 182 -2.80 16.23 -16.59
N TYR A 183 -3.93 15.70 -16.10
CA TYR A 183 -4.63 16.36 -14.99
C TYR A 183 -3.73 16.51 -13.78
N VAL A 184 -2.95 15.47 -13.49
CA VAL A 184 -2.05 15.54 -12.36
C VAL A 184 -1.05 16.67 -12.54
N ASN A 185 -0.48 16.77 -13.74
CA ASN A 185 0.52 17.81 -14.02
C ASN A 185 -0.03 19.23 -14.04
N SER A 186 -1.27 19.38 -14.47
CA SER A 186 -1.87 20.70 -14.54
C SER A 186 -2.43 21.13 -13.19
N SER A 187 -3.06 20.20 -12.48
CA SER A 187 -3.72 20.52 -11.23
C SER A 187 -2.73 20.85 -10.13
N ALA A 188 -1.54 20.26 -10.19
CA ALA A 188 -0.58 20.47 -9.11
C ALA A 188 -0.23 21.95 -8.92
N PRO A 189 0.20 22.64 -10.00
CA PRO A 189 0.51 24.07 -9.84
C PRO A 189 -0.73 24.91 -9.50
N LEU A 190 -1.90 24.51 -10.00
CA LEU A 190 -3.15 25.21 -9.69
C LEU A 190 -3.48 25.12 -8.19
N ILE A 191 -3.35 23.92 -7.65
CA ILE A 191 -3.62 23.67 -6.24
C ILE A 191 -2.64 24.45 -5.36
N THR A 192 -1.37 24.48 -5.77
CA THR A 192 -0.36 25.26 -5.04
C THR A 192 -0.69 26.76 -5.13
N TYR A 193 -1.08 27.19 -6.32
CA TYR A 193 -1.51 28.58 -6.52
C TYR A 193 -2.66 28.90 -5.57
N LEU A 194 -3.62 27.97 -5.45
CA LEU A 194 -4.76 28.21 -4.57
C LEU A 194 -4.34 28.27 -3.10
N ASP A 195 -3.62 27.26 -2.63
CA ASP A 195 -3.09 27.25 -1.27
C ASP A 195 -2.40 28.58 -0.96
N ASN A 196 -1.58 29.05 -1.90
CA ASN A 196 -0.83 30.29 -1.69
C ASN A 196 -1.69 31.54 -1.56
N LEU A 197 -2.82 31.60 -2.28
CA LEU A 197 -3.76 32.71 -2.07
C LEU A 197 -4.16 32.79 -0.59
N PHE A 198 -4.36 31.63 0.03
CA PHE A 198 -4.75 31.58 1.45
C PHE A 198 -3.56 31.88 2.36
N LEU A 199 -2.44 31.19 2.12
CA LEU A 199 -1.29 31.30 3.00
C LEU A 199 -0.61 32.65 2.98
N SER A 200 -0.61 33.31 1.82
CA SER A 200 0.01 34.63 1.67
C SER A 200 -0.80 35.71 2.36
N LYS A 201 -2.06 35.41 2.66
CA LYS A 201 -2.91 36.34 3.40
C LYS A 201 -3.15 35.86 4.84
N GLN A 202 -2.34 34.90 5.28
CA GLN A 202 -2.43 34.36 6.64
C GLN A 202 -3.82 33.82 6.99
N LEU A 203 -4.52 33.22 6.01
CA LEU A 203 -5.88 32.78 6.25
C LEU A 203 -5.98 31.34 6.76
N GLY A 204 -4.90 30.57 6.60
CA GLY A 204 -4.91 29.15 6.92
C GLY A 204 -5.64 28.35 5.85
N ILE A 205 -5.42 27.04 5.82
CA ILE A 205 -6.13 26.19 4.87
C ILE A 205 -6.73 24.95 5.52
N ASP A 206 -6.70 24.89 6.84
CA ASP A 206 -7.12 23.67 7.52
C ASP A 206 -8.49 23.79 8.21
N TRP A 207 -9.22 24.85 7.88
CA TRP A 207 -10.52 25.11 8.50
C TRP A 207 -11.70 24.74 7.62
N ASP B 8 -25.19 -7.51 31.05
CA ASP B 8 -25.32 -7.48 29.59
C ASP B 8 -24.11 -6.80 28.95
N LYS B 9 -23.67 -5.69 29.54
CA LYS B 9 -22.49 -4.95 29.10
C LYS B 9 -21.37 -5.88 28.65
N PRO B 10 -20.92 -5.75 27.39
CA PRO B 10 -19.93 -6.70 26.85
C PRO B 10 -18.64 -6.82 27.66
N LEU B 11 -18.10 -5.70 28.13
CA LEU B 11 -16.84 -5.74 28.86
C LEU B 11 -17.00 -6.50 30.17
N ARG B 12 -18.21 -6.47 30.74
CA ARG B 12 -18.45 -7.15 32.01
C ARG B 12 -18.74 -8.62 31.81
N LYS B 13 -19.36 -8.98 30.69
CA LYS B 13 -19.52 -10.39 30.36
C LYS B 13 -18.15 -11.03 30.18
N ILE B 14 -17.26 -10.29 29.52
CA ILE B 14 -15.88 -10.71 29.31
C ILE B 14 -15.12 -10.88 30.64
N SER B 15 -15.11 -9.83 31.45
CA SER B 15 -14.34 -9.89 32.71
C SER B 15 -14.83 -11.03 33.61
N ALA B 16 -16.14 -11.24 33.65
CA ALA B 16 -16.69 -12.31 34.49
C ALA B 16 -16.26 -13.69 33.99
N ALA B 17 -16.32 -13.91 32.68
CA ALA B 17 -16.00 -15.22 32.14
C ALA B 17 -14.50 -15.52 32.26
N PHE B 18 -13.67 -14.52 32.03
CA PHE B 18 -12.25 -14.77 32.06
C PHE B 18 -11.74 -14.89 33.48
N LYS B 19 -12.43 -14.23 34.42
CA LYS B 19 -12.08 -14.42 35.83
C LYS B 19 -12.21 -15.89 36.22
N LYS B 20 -13.29 -16.53 35.77
CA LYS B 20 -13.55 -17.93 36.09
C LYS B 20 -12.48 -18.84 35.47
N LEU B 21 -12.10 -18.54 34.23
CA LEU B 21 -11.04 -19.30 33.59
C LEU B 21 -9.70 -19.16 34.32
N ALA B 22 -9.36 -17.94 34.73
CA ALA B 22 -8.09 -17.71 35.42
C ALA B 22 -8.06 -18.44 36.75
N ILE B 23 -9.21 -18.57 37.40
CA ILE B 23 -9.29 -19.38 38.61
C ILE B 23 -8.89 -20.83 38.33
N ILE B 24 -9.40 -21.40 37.25
CA ILE B 24 -9.06 -22.77 36.89
C ILE B 24 -7.57 -22.89 36.61
N VAL B 25 -7.07 -21.98 35.78
CA VAL B 25 -5.68 -22.07 35.36
C VAL B 25 -4.72 -21.96 36.54
N ASN B 26 -5.07 -21.11 37.51
CA ASN B 26 -4.26 -20.87 38.71
C ASN B 26 -4.50 -21.88 39.83
N SER B 27 -5.40 -22.82 39.62
CA SER B 27 -5.78 -23.75 40.69
C SER B 27 -4.83 -24.95 40.82
N PRO B 28 -4.97 -25.69 41.93
CA PRO B 28 -4.21 -26.93 42.14
C PRO B 28 -4.56 -27.98 41.09
N ASN B 29 -5.66 -27.76 40.38
CA ASN B 29 -6.10 -28.70 39.35
C ASN B 29 -6.56 -27.96 38.09
N PRO B 30 -5.61 -27.58 37.24
CA PRO B 30 -5.96 -26.77 36.05
C PRO B 30 -6.44 -27.59 34.84
N GLU B 31 -7.66 -28.14 34.90
CA GLU B 31 -8.28 -28.79 33.76
C GLU B 31 -9.28 -27.80 33.14
N VAL B 32 -9.02 -27.36 31.92
CA VAL B 32 -9.86 -26.32 31.31
C VAL B 32 -10.86 -26.94 30.34
N PRO B 33 -12.16 -26.84 30.66
CA PRO B 33 -13.19 -27.39 29.77
C PRO B 33 -13.23 -26.64 28.44
N VAL B 34 -13.32 -27.38 27.35
CA VAL B 34 -13.41 -26.75 26.03
C VAL B 34 -14.67 -25.88 25.93
N THR B 35 -15.76 -26.35 26.55
CA THR B 35 -16.99 -25.58 26.57
CA THR B 35 -17.00 -25.59 26.59
C THR B 35 -16.81 -24.21 27.20
N GLN B 36 -16.35 -24.19 28.46
CA GLN B 36 -16.15 -22.93 29.16
C GLN B 36 -15.17 -22.01 28.43
N PHE B 37 -14.06 -22.58 27.97
CA PHE B 37 -13.04 -21.80 27.28
C PHE B 37 -13.61 -21.16 26.01
N SER B 38 -14.27 -21.96 25.18
CA SER B 38 -14.73 -21.47 23.89
C SER B 38 -15.82 -20.43 24.03
N HIS B 39 -16.70 -20.58 25.03
CA HIS B 39 -17.75 -19.60 25.29
CA HIS B 39 -17.74 -19.61 25.25
C HIS B 39 -17.16 -18.27 25.68
N ALA B 40 -16.15 -18.30 26.54
CA ALA B 40 -15.48 -17.08 26.96
C ALA B 40 -14.83 -16.36 25.76
N CYS B 41 -14.14 -17.11 24.92
CA CYS B 41 -13.51 -16.53 23.74
C CYS B 41 -14.53 -15.90 22.79
N SER B 42 -15.70 -16.50 22.70
CA SER B 42 -16.75 -15.99 21.82
CA SER B 42 -16.73 -15.98 21.81
C SER B 42 -17.21 -14.60 22.28
N LEU B 43 -17.09 -14.32 23.57
CA LEU B 43 -17.50 -13.02 24.11
C LEU B 43 -16.54 -11.90 23.71
N VAL B 44 -15.33 -12.28 23.34
CA VAL B 44 -14.31 -11.33 22.93
C VAL B 44 -14.49 -10.96 21.45
N SER B 45 -15.08 -11.87 20.69
CA SER B 45 -15.25 -11.69 19.24
C SER B 45 -15.72 -10.31 18.79
N PRO B 46 -16.76 -9.75 19.43
CA PRO B 46 -17.31 -8.48 18.95
C PRO B 46 -16.34 -7.31 19.08
N LEU B 47 -15.33 -7.42 19.94
CA LEU B 47 -14.38 -6.31 20.11
C LEU B 47 -13.66 -5.95 18.81
N PHE B 48 -13.34 -6.94 17.99
CA PHE B 48 -12.60 -6.67 16.76
C PHE B 48 -13.41 -5.82 15.78
N GLY B 49 -14.67 -6.16 15.57
CA GLY B 49 -15.51 -5.39 14.68
C GLY B 49 -15.62 -3.93 15.09
N CYS B 50 -15.56 -3.67 16.40
CA CYS B 50 -15.63 -2.30 16.91
C CYS B 50 -14.48 -1.45 16.39
N LEU B 51 -13.36 -2.10 16.10
CA LEU B 51 -12.18 -1.37 15.68
C LEU B 51 -12.24 -0.94 14.21
N GLY B 52 -13.23 -1.47 13.49
CA GLY B 52 -13.45 -1.07 12.10
C GLY B 52 -12.66 -1.89 11.10
N ILE B 53 -12.67 -1.44 9.85
CA ILE B 53 -12.05 -2.18 8.75
C ILE B 53 -10.59 -2.60 8.96
N ALA B 54 -9.82 -1.85 9.76
CA ALA B 54 -8.41 -2.18 9.92
C ALA B 54 -8.25 -3.59 10.50
N PHE B 55 -9.24 -4.04 11.26
CA PHE B 55 -9.15 -5.33 11.93
C PHE B 55 -10.08 -6.38 11.32
N LYS B 56 -10.39 -6.18 10.04
CA LYS B 56 -11.19 -7.14 9.29
C LYS B 56 -10.59 -8.56 9.29
N PHE B 57 -9.27 -8.67 9.29
CA PHE B 57 -8.63 -9.99 9.27
C PHE B 57 -9.08 -10.88 10.43
N ALA B 58 -9.56 -10.27 11.51
CA ALA B 58 -9.91 -11.02 12.70
C ALA B 58 -11.21 -11.81 12.54
N GLU B 59 -12.02 -11.45 11.56
CA GLU B 59 -13.22 -12.23 11.34
C GLU B 59 -12.85 -13.65 10.94
N MET B 60 -11.89 -13.78 10.02
CA MET B 60 -11.41 -15.10 9.57
C MET B 60 -10.44 -15.75 10.57
N ASP B 61 -9.55 -14.96 11.13
CA ASP B 61 -8.45 -15.53 11.89
C ASP B 61 -8.75 -15.67 13.38
N TYR B 62 -9.84 -15.07 13.84
CA TYR B 62 -10.26 -15.25 15.23
C TYR B 62 -11.71 -15.73 15.36
N VAL B 63 -12.65 -14.90 14.91
CA VAL B 63 -14.07 -15.19 15.13
C VAL B 63 -14.48 -16.54 14.55
N ALA B 64 -14.15 -16.79 13.29
CA ALA B 64 -14.51 -18.06 12.65
C ALA B 64 -13.92 -19.25 13.38
N KCX B 65 -12.71 -19.07 13.90
CA KCX B 65 -12.02 -20.18 14.55
CB KCX B 65 -10.50 -19.97 14.48
CG KCX B 65 -10.09 -19.84 13.00
CD KCX B 65 -8.61 -19.68 12.73
CE KCX B 65 -8.36 -19.79 11.23
NZ KCX B 65 -6.99 -19.35 10.78
C KCX B 65 -12.55 -20.44 15.94
O KCX B 65 -12.67 -21.60 16.37
CX KCX B 65 -6.10 -20.28 10.49
OQ1 KCX B 65 -4.97 -19.95 10.10
OQ2 KCX B 65 -6.41 -21.48 10.60
N VAL B 66 -12.91 -19.37 16.66
CA VAL B 66 -13.62 -19.50 17.93
C VAL B 66 -14.93 -20.25 17.73
N ASP B 67 -15.67 -19.86 16.69
CA ASP B 67 -16.95 -20.52 16.41
C ASP B 67 -16.80 -22.03 16.18
N ASP B 68 -15.74 -22.45 15.49
CA ASP B 68 -15.52 -23.89 15.32
C ASP B 68 -15.21 -24.58 16.65
N LEU B 69 -14.46 -23.90 17.52
CA LEU B 69 -14.22 -24.48 18.83
C LEU B 69 -15.53 -24.63 19.62
N VAL B 70 -16.36 -23.59 19.59
CA VAL B 70 -17.69 -23.63 20.25
C VAL B 70 -18.52 -24.84 19.79
N ARG B 71 -18.58 -25.03 18.47
CA ARG B 71 -19.31 -26.14 17.87
C ARG B 71 -18.85 -27.50 18.30
N ALA B 72 -17.56 -27.61 18.60
CA ALA B 72 -16.96 -28.90 18.92
C ALA B 72 -16.94 -29.14 20.42
N SER B 73 -17.14 -28.08 21.19
CA SER B 73 -16.83 -28.12 22.62
C SER B 73 -17.66 -29.16 23.40
N SER B 74 -18.91 -29.39 22.99
CA SER B 74 -19.72 -30.39 23.68
C SER B 74 -19.27 -31.84 23.45
N SER B 75 -18.32 -32.04 22.54
CA SER B 75 -17.88 -33.39 22.18
CA SER B 75 -17.87 -33.38 22.16
C SER B 75 -16.46 -33.70 22.68
N ILE B 76 -15.79 -32.71 23.24
CA ILE B 76 -14.43 -32.89 23.73
C ILE B 76 -14.30 -32.30 25.14
N SER B 77 -13.64 -33.04 26.03
CA SER B 77 -13.60 -32.65 27.43
C SER B 77 -12.76 -31.40 27.70
N THR B 78 -11.45 -31.55 27.66
CA THR B 78 -10.55 -30.45 28.05
C THR B 78 -9.64 -30.06 26.90
N LEU B 79 -8.99 -28.90 27.05
CA LEU B 79 -8.04 -28.44 26.05
C LEU B 79 -6.90 -29.43 25.88
N VAL B 80 -6.40 -29.98 26.98
CA VAL B 80 -5.31 -30.95 26.90
C VAL B 80 -5.70 -32.20 26.10
N VAL B 81 -6.88 -32.74 26.38
CA VAL B 81 -7.36 -33.92 25.65
C VAL B 81 -7.52 -33.59 24.17
N MET B 82 -8.07 -32.41 23.89
CA MET B 82 -8.23 -31.94 22.52
C MET B 82 -6.89 -31.94 21.78
N MET B 83 -5.87 -31.33 22.38
CA MET B 83 -4.56 -31.31 21.75
C MET B 83 -3.96 -32.72 21.58
N ASP B 84 -4.04 -33.53 22.62
CA ASP B 84 -3.47 -34.88 22.55
C ASP B 84 -4.09 -35.71 21.42
N LYS B 85 -5.39 -35.55 21.19
CA LYS B 85 -6.05 -36.25 20.11
C LYS B 85 -5.50 -35.83 18.75
N ASP B 86 -5.22 -34.54 18.58
CA ASP B 86 -4.66 -34.06 17.32
C ASP B 86 -3.22 -34.52 17.11
N ILE B 87 -2.45 -34.56 18.18
CA ILE B 87 -1.09 -35.10 18.12
C ILE B 87 -1.12 -36.57 17.68
N GLU B 88 -2.00 -37.36 18.29
CA GLU B 88 -2.13 -38.77 17.94
C GLU B 88 -2.61 -38.97 16.50
N ALA B 89 -3.45 -38.05 16.03
CA ALA B 89 -4.00 -38.15 14.68
C ALA B 89 -3.06 -37.50 13.66
N ASP B 90 -2.01 -36.87 14.18
CA ASP B 90 -1.05 -36.11 13.37
C ASP B 90 -1.71 -35.04 12.49
N CYS B 91 -2.63 -34.28 13.06
CA CYS B 91 -3.32 -33.23 12.31
C CYS B 91 -3.25 -31.87 13.01
N VAL B 92 -2.27 -31.74 13.91
CA VAL B 92 -2.07 -30.48 14.63
C VAL B 92 -2.08 -29.26 13.72
N ARG B 93 -1.28 -29.26 12.65
CA ARG B 93 -1.19 -28.03 11.86
C ARG B 93 -2.17 -27.95 10.71
N LYS B 94 -3.05 -28.95 10.59
CA LYS B 94 -4.01 -28.99 9.51
CA LYS B 94 -4.01 -28.97 9.50
C LYS B 94 -5.03 -27.85 9.62
N ALA B 95 -5.32 -27.19 8.50
CA ALA B 95 -6.30 -26.11 8.51
C ALA B 95 -7.62 -26.65 9.05
N GLY B 96 -8.17 -25.96 10.04
CA GLY B 96 -9.43 -26.35 10.64
C GLY B 96 -9.36 -27.43 11.70
N SER B 97 -8.15 -27.84 12.11
CA SER B 97 -8.02 -28.74 13.25
C SER B 97 -8.34 -27.96 14.54
N HIS B 98 -8.77 -28.65 15.60
CA HIS B 98 -9.11 -27.97 16.85
C HIS B 98 -7.87 -27.28 17.42
N THR B 99 -6.72 -27.94 17.29
CA THR B 99 -5.48 -27.41 17.87
C THR B 99 -4.97 -26.18 17.11
N ARG B 100 -5.11 -26.18 15.79
CA ARG B 100 -4.78 -24.99 15.03
C ARG B 100 -5.75 -23.86 15.39
N ASN B 101 -7.02 -24.18 15.53
CA ASN B 101 -7.97 -23.16 15.93
C ASN B 101 -7.56 -22.57 17.28
N LEU B 102 -7.15 -23.44 18.19
CA LEU B 102 -6.74 -23.00 19.52
C LEU B 102 -5.58 -22.01 19.45
N LEU B 103 -4.57 -22.31 18.64
CA LEU B 103 -3.42 -21.41 18.52
C LEU B 103 -3.86 -20.04 17.99
N ARG B 104 -4.75 -20.04 16.99
CA ARG B 104 -5.22 -18.81 16.38
C ARG B 104 -6.01 -18.01 17.41
N VAL B 105 -6.84 -18.70 18.19
CA VAL B 105 -7.66 -18.04 19.19
C VAL B 105 -6.78 -17.42 20.29
N LYS B 106 -5.73 -18.13 20.68
CA LYS B 106 -4.80 -17.63 21.69
C LYS B 106 -4.22 -16.27 21.27
N ARG B 107 -3.82 -16.14 20.00
CA ARG B 107 -3.28 -14.87 19.53
C ARG B 107 -4.29 -13.74 19.65
N GLY B 108 -5.55 -14.02 19.33
CA GLY B 108 -6.61 -13.03 19.45
C GLY B 108 -6.77 -12.58 20.90
N LEU B 109 -6.77 -13.53 21.83
CA LEU B 109 -6.86 -13.17 23.25
C LEU B 109 -5.70 -12.26 23.65
N ASP B 110 -4.51 -12.59 23.15
CA ASP B 110 -3.30 -11.82 23.46
C ASP B 110 -3.39 -10.41 22.86
N MET B 111 -3.92 -10.27 21.65
CA MET B 111 -4.00 -8.93 21.05
C MET B 111 -4.92 -8.03 21.86
N VAL B 112 -6.02 -8.60 22.33
CA VAL B 112 -6.97 -7.83 23.13
C VAL B 112 -6.34 -7.45 24.47
N LYS B 113 -5.57 -8.35 25.06
CA LYS B 113 -4.84 -8.05 26.30
C LYS B 113 -3.93 -6.84 26.10
N VAL B 114 -3.11 -6.87 25.05
CA VAL B 114 -2.16 -5.79 24.78
C VAL B 114 -2.90 -4.50 24.42
N LEU B 115 -3.93 -4.61 23.60
CA LEU B 115 -4.79 -3.47 23.30
C LEU B 115 -5.31 -2.80 24.59
N PHE B 116 -5.85 -3.59 25.49
CA PHE B 116 -6.38 -3.05 26.74
C PHE B 116 -5.28 -2.39 27.60
N GLU B 117 -4.14 -3.07 27.72
CA GLU B 117 -3.01 -2.53 28.48
C GLU B 117 -2.64 -1.14 27.96
N GLN B 118 -2.61 -1.02 26.64
CA GLN B 118 -2.27 0.24 25.98
C GLN B 118 -3.36 1.30 26.14
N ILE B 119 -4.63 0.89 26.07
CA ILE B 119 -5.71 1.84 26.23
C ILE B 119 -5.68 2.41 27.63
N ILE B 120 -5.46 1.53 28.60
CA ILE B 120 -5.36 1.90 30.00
C ILE B 120 -4.20 2.87 30.22
N ALA B 121 -3.07 2.55 29.61
CA ALA B 121 -1.82 3.30 29.81
C ALA B 121 -1.82 4.66 29.12
N SER B 122 -2.80 4.89 28.25
CA SER B 122 -2.83 6.11 27.46
C SER B 122 -4.06 6.96 27.74
N GLU B 123 -4.66 6.77 28.92
CA GLU B 123 -5.82 7.55 29.32
C GLU B 123 -5.52 9.05 29.18
N GLY B 124 -6.53 9.82 28.81
CA GLY B 124 -6.36 11.24 28.58
C GLY B 124 -6.17 11.57 27.11
N ASP B 125 -5.82 10.55 26.34
CA ASP B 125 -5.62 10.69 24.91
C ASP B 125 -6.83 10.06 24.21
N ASN B 126 -7.47 10.81 23.33
CA ASN B 126 -8.68 10.33 22.67
C ASN B 126 -8.39 9.51 21.42
N SER B 127 -7.14 9.52 20.97
CA SER B 127 -6.77 8.70 19.82
C SER B 127 -6.40 7.30 20.27
N LEU B 128 -6.92 6.30 19.56
CA LEU B 128 -6.62 4.91 19.83
C LEU B 128 -5.57 4.39 18.87
N LYS B 129 -5.05 5.28 18.02
CA LYS B 129 -4.11 4.86 16.98
C LYS B 129 -2.88 4.13 17.51
N ASP B 130 -2.24 4.66 18.54
CA ASP B 130 -1.08 4.00 19.11
C ASP B 130 -1.41 2.64 19.73
N PRO B 131 -2.44 2.57 20.58
CA PRO B 131 -2.80 1.27 21.16
C PRO B 131 -3.14 0.22 20.10
N ALA B 132 -3.92 0.59 19.10
CA ALA B 132 -4.31 -0.37 18.07
C ALA B 132 -3.11 -0.82 17.25
N THR B 133 -2.27 0.13 16.89
CA THR B 133 -1.08 -0.16 16.10
C THR B 133 -0.05 -1.00 16.88
N LYS B 134 0.16 -0.66 18.15
CA LYS B 134 1.10 -1.40 18.98
C LYS B 134 0.64 -2.83 19.26
N SER B 135 -0.63 -2.98 19.62
CA SER B 135 -1.14 -4.32 19.89
C SER B 135 -1.10 -5.19 18.64
N TYR B 136 -1.48 -4.62 17.49
CA TYR B 136 -1.40 -5.38 16.26
C TYR B 136 0.05 -5.75 15.94
N ALA B 137 0.96 -4.80 16.11
CA ALA B 137 2.34 -5.01 15.73
C ALA B 137 3.00 -6.09 16.59
N GLN B 138 2.67 -6.11 17.87
CA GLN B 138 3.30 -7.05 18.79
C GLN B 138 2.76 -8.46 18.61
N VAL B 139 1.45 -8.57 18.45
CA VAL B 139 0.79 -9.88 18.48
C VAL B 139 0.53 -10.52 17.11
N PHE B 140 0.04 -9.75 16.14
CA PHE B 140 -0.35 -10.34 14.86
C PHE B 140 0.66 -10.14 13.71
N ALA B 141 1.24 -8.95 13.64
CA ALA B 141 2.14 -8.63 12.53
C ALA B 141 3.20 -9.70 12.25
N PRO B 142 3.80 -10.29 13.31
CA PRO B 142 4.84 -11.30 13.02
C PRO B 142 4.31 -12.52 12.26
N HIS B 143 3.00 -12.75 12.30
CA HIS B 143 2.40 -13.92 11.67
C HIS B 143 1.68 -13.60 10.36
N HIS B 144 1.74 -12.34 9.95
CA HIS B 144 1.05 -11.90 8.75
C HIS B 144 2.02 -11.53 7.63
N GLY B 145 1.60 -11.76 6.38
CA GLY B 145 2.34 -11.27 5.23
C GLY B 145 2.08 -9.78 5.05
N TRP B 146 2.86 -9.11 4.22
CA TRP B 146 2.72 -7.65 4.12
C TRP B 146 1.38 -7.14 3.56
N ALA B 147 0.64 -7.97 2.83
CA ALA B 147 -0.64 -7.55 2.29
C ALA B 147 -1.62 -7.22 3.41
N ILE B 148 -1.71 -8.11 4.39
CA ILE B 148 -2.57 -7.88 5.55
C ILE B 148 -2.00 -6.75 6.41
N ARG B 149 -0.68 -6.71 6.61
CA ARG B 149 -0.10 -5.65 7.43
C ARG B 149 -0.39 -4.28 6.84
N LYS B 150 -0.31 -4.17 5.52
CA LYS B 150 -0.56 -2.89 4.86
C LYS B 150 -2.02 -2.48 4.97
N ALA B 151 -2.91 -3.46 4.86
CA ALA B 151 -4.34 -3.20 4.97
C ALA B 151 -4.70 -2.72 6.38
N VAL B 152 -4.11 -3.33 7.39
CA VAL B 152 -4.34 -2.91 8.76
C VAL B 152 -3.93 -1.45 8.94
N SER B 153 -2.72 -1.12 8.48
CA SER B 153 -2.22 0.24 8.55
C SER B 153 -3.12 1.21 7.80
N LEU B 154 -3.55 0.82 6.60
CA LEU B 154 -4.40 1.66 5.76
C LEU B 154 -5.79 1.90 6.34
N GLY B 155 -6.28 0.99 7.16
CA GLY B 155 -7.63 1.12 7.68
C GLY B 155 -7.71 1.94 8.97
N MET B 156 -6.56 2.42 9.44
CA MET B 156 -6.50 3.19 10.69
C MET B 156 -7.26 4.52 10.62
N TYR B 157 -7.49 5.03 9.43
CA TYR B 157 -8.28 6.27 9.34
C TYR B 157 -9.72 6.08 9.82
N ALA B 158 -10.18 4.82 9.89
CA ALA B 158 -11.55 4.56 10.31
C ALA B 158 -11.62 4.03 11.74
N LEU B 159 -10.49 4.00 12.42
CA LEU B 159 -10.43 3.51 13.80
C LEU B 159 -11.25 4.44 14.72
N PRO B 160 -12.08 3.86 15.60
CA PRO B 160 -12.81 4.73 16.54
C PRO B 160 -11.88 5.50 17.46
N THR B 161 -12.35 6.64 17.96
CA THR B 161 -11.63 7.34 19.01
C THR B 161 -11.94 6.62 20.31
N ARG B 162 -11.20 6.95 21.37
CA ARG B 162 -11.46 6.38 22.69
C ARG B 162 -12.93 6.57 23.09
N ALA B 163 -13.43 7.79 22.97
CA ALA B 163 -14.81 8.07 23.39
C ALA B 163 -15.83 7.25 22.59
N HIS B 164 -15.61 7.12 21.29
CA HIS B 164 -16.53 6.33 20.47
C HIS B 164 -16.49 4.85 20.83
N LEU B 165 -15.29 4.34 21.10
CA LEU B 165 -15.18 2.94 21.51
C LEU B 165 -15.93 2.69 22.81
N LEU B 166 -15.70 3.53 23.81
CA LEU B 166 -16.40 3.36 25.09
C LEU B 166 -17.91 3.44 24.90
N ASN B 167 -18.35 4.32 24.00
CA ASN B 167 -19.77 4.41 23.69
C ASN B 167 -20.31 3.11 23.10
N MET B 168 -19.55 2.50 22.20
CA MET B 168 -19.96 1.23 21.61
C MET B 168 -20.06 0.15 22.67
N LEU B 169 -19.18 0.23 23.65
CA LEU B 169 -19.10 -0.80 24.68
C LEU B 169 -20.01 -0.49 25.87
N LYS B 170 -20.71 0.64 25.80
CA LYS B 170 -21.73 0.97 26.81
C LYS B 170 -21.15 1.23 28.19
N GLU B 171 -19.97 1.86 28.25
CA GLU B 171 -19.34 2.17 29.53
C GLU B 171 -18.75 3.57 29.55
N ASP B 172 -18.64 4.15 30.73
CA ASP B 172 -17.85 5.37 30.90
C ASP B 172 -16.42 4.99 31.27
N GLU B 173 -15.52 5.97 31.29
CA GLU B 173 -14.10 5.72 31.49
C GLU B 173 -13.82 4.86 32.72
N ALA B 174 -14.41 5.24 33.85
CA ALA B 174 -14.16 4.51 35.09
C ALA B 174 -14.51 3.03 35.01
N ALA B 175 -15.72 2.72 34.54
CA ALA B 175 -16.17 1.34 34.47
C ALA B 175 -15.36 0.55 33.45
N ALA B 176 -15.08 1.19 32.31
CA ALA B 176 -14.31 0.55 31.25
C ALA B 176 -12.93 0.16 31.76
N LYS B 177 -12.30 1.09 32.49
CA LYS B 177 -10.97 0.84 33.05
C LYS B 177 -10.96 -0.39 33.96
N ILE B 178 -11.94 -0.48 34.85
CA ILE B 178 -12.05 -1.61 35.78
C ILE B 178 -12.12 -2.94 35.05
N HIS B 179 -13.03 -3.03 34.08
CA HIS B 179 -13.24 -4.29 33.38
C HIS B 179 -12.17 -4.62 32.35
N MET B 180 -11.57 -3.60 31.74
CA MET B 180 -10.42 -3.82 30.88
C MET B 180 -9.23 -4.37 31.67
N GLN B 181 -8.94 -3.73 32.81
CA GLN B 181 -7.84 -4.18 33.65
C GLN B 181 -8.11 -5.59 34.18
N SER B 182 -9.38 -5.89 34.44
CA SER B 182 -9.74 -7.22 34.94
C SER B 182 -9.42 -8.28 33.89
N TYR B 183 -9.82 -8.04 32.64
CA TYR B 183 -9.45 -8.97 31.58
C TYR B 183 -7.95 -9.11 31.42
N VAL B 184 -7.22 -8.00 31.50
CA VAL B 184 -5.77 -8.07 31.42
C VAL B 184 -5.21 -8.99 32.50
N ASN B 185 -5.74 -8.87 33.71
CA ASN B 185 -5.28 -9.69 34.83
C ASN B 185 -5.65 -11.16 34.66
N SER B 186 -6.85 -11.42 34.14
CA SER B 186 -7.31 -12.80 34.01
C SER B 186 -6.74 -13.48 32.77
N SER B 187 -6.67 -12.74 31.66
CA SER B 187 -6.20 -13.35 30.42
C SER B 187 -4.72 -13.68 30.45
N ALA B 188 -3.92 -12.92 31.21
CA ALA B 188 -2.47 -13.14 31.18
C ALA B 188 -2.06 -14.58 31.52
N PRO B 189 -2.51 -15.12 32.66
CA PRO B 189 -2.14 -16.50 33.00
C PRO B 189 -2.76 -17.54 32.06
N LEU B 190 -3.93 -17.24 31.50
CA LEU B 190 -4.56 -18.14 30.54
C LEU B 190 -3.74 -18.21 29.25
N ILE B 191 -3.29 -17.05 28.77
CA ILE B 191 -2.48 -17.00 27.55
C ILE B 191 -1.17 -17.77 27.72
N THR B 192 -0.49 -17.61 28.85
CA THR B 192 0.75 -18.33 29.11
CA THR B 192 0.76 -18.33 29.03
C THR B 192 0.51 -19.83 29.23
N TYR B 193 -0.60 -20.19 29.86
CA TYR B 193 -1.00 -21.59 30.00
C TYR B 193 -1.14 -22.24 28.60
N LEU B 194 -1.85 -21.55 27.72
CA LEU B 194 -2.04 -22.01 26.35
C LEU B 194 -0.70 -22.15 25.62
N ASP B 195 0.12 -21.11 25.64
CA ASP B 195 1.46 -21.18 25.03
C ASP B 195 2.19 -22.43 25.52
N ASN B 196 2.15 -22.66 26.82
CA ASN B 196 2.91 -23.75 27.42
C ASN B 196 2.39 -25.15 27.10
N LEU B 197 1.10 -25.26 26.78
CA LEU B 197 0.57 -26.52 26.23
C LEU B 197 1.31 -26.86 24.93
N PHE B 198 1.47 -25.85 24.07
CA PHE B 198 2.15 -26.07 22.81
C PHE B 198 3.65 -26.34 23.01
N LEU B 199 4.31 -25.48 23.77
CA LEU B 199 5.75 -25.61 23.97
C LEU B 199 6.13 -26.90 24.71
N SER B 200 5.36 -27.27 25.73
CA SER B 200 5.67 -28.48 26.48
C SER B 200 5.49 -29.73 25.62
N LYS B 201 4.63 -29.62 24.61
CA LYS B 201 4.39 -30.72 23.69
C LYS B 201 5.22 -30.60 22.41
N GLN B 202 6.18 -29.67 22.41
CA GLN B 202 7.13 -29.53 21.30
C GLN B 202 6.43 -29.22 19.98
N LEU B 203 5.33 -28.48 20.07
CA LEU B 203 4.55 -28.16 18.89
C LEU B 203 4.92 -26.83 18.23
N GLY B 204 5.55 -25.94 18.98
CA GLY B 204 5.82 -24.60 18.51
C GLY B 204 4.58 -23.72 18.60
N ILE B 205 4.75 -22.41 18.61
CA ILE B 205 3.63 -21.47 18.59
C ILE B 205 3.74 -20.43 17.46
N ASP B 206 4.72 -20.62 16.59
CA ASP B 206 4.98 -19.62 15.57
C ASP B 206 4.52 -20.03 14.18
N TRP B 207 3.77 -21.13 14.09
CA TRP B 207 3.24 -21.56 12.79
C TRP B 207 1.78 -21.16 12.58
N ASP C 8 2.53 -36.51 -23.33
CA ASP C 8 3.42 -36.19 -22.23
C ASP C 8 4.21 -34.90 -22.52
N LYS C 9 3.49 -33.88 -22.95
CA LYS C 9 4.07 -32.56 -23.17
C LYS C 9 3.29 -31.57 -22.31
N PRO C 10 3.63 -31.52 -21.00
CA PRO C 10 2.90 -30.73 -20.02
C PRO C 10 2.69 -29.29 -20.46
N LEU C 11 3.74 -28.66 -20.99
CA LEU C 11 3.63 -27.27 -21.43
C LEU C 11 2.61 -27.10 -22.55
N ARG C 12 2.59 -28.05 -23.47
CA ARG C 12 1.71 -27.96 -24.63
C ARG C 12 0.25 -28.18 -24.26
N LYS C 13 -0.02 -29.03 -23.28
CA LYS C 13 -1.38 -29.18 -22.79
C LYS C 13 -1.81 -27.91 -22.09
N ILE C 14 -0.88 -27.31 -21.35
CA ILE C 14 -1.19 -26.09 -20.61
C ILE C 14 -1.53 -24.94 -21.56
N SER C 15 -0.68 -24.72 -22.56
CA SER C 15 -0.91 -23.60 -23.46
C SER C 15 -2.20 -23.76 -24.25
N ALA C 16 -2.51 -25.00 -24.64
CA ALA C 16 -3.72 -25.25 -25.41
C ALA C 16 -4.97 -25.03 -24.56
N ALA C 17 -4.93 -25.50 -23.32
CA ALA C 17 -6.09 -25.37 -22.43
C ALA C 17 -6.36 -23.90 -22.12
N PHE C 18 -5.30 -23.14 -21.91
CA PHE C 18 -5.46 -21.76 -21.52
C PHE C 18 -5.75 -20.84 -22.70
N LYS C 19 -5.30 -21.26 -23.87
CA LYS C 19 -5.66 -20.56 -25.09
C LYS C 19 -7.18 -20.57 -25.26
N LYS C 20 -7.79 -21.73 -25.00
CA LYS C 20 -9.24 -21.85 -25.17
C LYS C 20 -9.99 -20.98 -24.15
N LEU C 21 -9.50 -20.96 -22.92
CA LEU C 21 -10.13 -20.12 -21.91
C LEU C 21 -10.00 -18.62 -22.21
N ALA C 22 -8.86 -18.22 -22.76
CA ALA C 22 -8.66 -16.81 -23.10
C ALA C 22 -9.64 -16.38 -24.20
N ILE C 23 -9.93 -17.30 -25.11
CA ILE C 23 -10.92 -17.04 -26.14
C ILE C 23 -12.31 -16.82 -25.53
N ILE C 24 -12.65 -17.63 -24.51
CA ILE C 24 -13.92 -17.45 -23.82
C ILE C 24 -13.99 -16.09 -23.11
N VAL C 25 -13.00 -15.79 -22.27
CA VAL C 25 -12.97 -14.56 -21.51
CA VAL C 25 -13.03 -14.56 -21.51
C VAL C 25 -12.95 -13.31 -22.40
N ASN C 26 -12.43 -13.47 -23.61
CA ASN C 26 -12.34 -12.31 -24.52
C ASN C 26 -13.54 -12.21 -25.46
N SER C 27 -14.55 -13.02 -25.21
CA SER C 27 -15.73 -13.06 -26.06
C SER C 27 -16.85 -12.23 -25.44
N PRO C 28 -17.83 -11.84 -26.26
CA PRO C 28 -18.98 -11.15 -25.66
C PRO C 28 -19.70 -12.12 -24.73
N ASN C 29 -20.12 -11.63 -23.56
CA ASN C 29 -20.85 -12.46 -22.61
C ASN C 29 -20.11 -13.77 -22.29
N PRO C 30 -18.92 -13.66 -21.68
CA PRO C 30 -18.16 -14.86 -21.35
C PRO C 30 -18.88 -15.73 -20.34
N GLU C 31 -18.87 -17.04 -20.59
CA GLU C 31 -19.34 -18.02 -19.63
C GLU C 31 -18.24 -19.06 -19.46
N VAL C 32 -17.68 -19.16 -18.26
CA VAL C 32 -16.56 -20.06 -18.02
C VAL C 32 -17.01 -21.29 -17.26
N PRO C 33 -17.05 -22.46 -17.94
CA PRO C 33 -17.47 -23.70 -17.27
C PRO C 33 -16.49 -24.07 -16.15
N VAL C 34 -17.02 -24.47 -15.00
CA VAL C 34 -16.16 -24.90 -13.90
C VAL C 34 -15.33 -26.12 -14.34
N THR C 35 -15.96 -27.04 -15.07
CA THR C 35 -15.26 -28.22 -15.55
C THR C 35 -14.03 -27.84 -16.39
N GLN C 36 -14.24 -26.98 -17.39
CA GLN C 36 -13.16 -26.58 -18.28
C GLN C 36 -12.09 -25.80 -17.52
N PHE C 37 -12.52 -24.86 -16.68
CA PHE C 37 -11.59 -24.06 -15.89
C PHE C 37 -10.76 -24.93 -14.96
N SER C 38 -11.42 -25.76 -14.16
CA SER C 38 -10.70 -26.60 -13.19
C SER C 38 -9.76 -27.58 -13.90
N HIS C 39 -10.18 -28.11 -15.05
CA HIS C 39 -9.31 -29.00 -15.80
C HIS C 39 -7.99 -28.33 -16.21
N ALA C 40 -8.08 -27.14 -16.78
CA ALA C 40 -6.89 -26.39 -17.17
C ALA C 40 -6.00 -26.10 -15.96
N CYS C 41 -6.61 -25.67 -14.86
CA CYS C 41 -5.84 -25.41 -13.64
C CYS C 41 -5.14 -26.68 -13.15
N SER C 42 -5.79 -27.82 -13.30
CA SER C 42 -5.16 -29.08 -12.90
C SER C 42 -3.91 -29.40 -13.73
N LEU C 43 -3.83 -28.89 -14.95
CA LEU C 43 -2.65 -29.12 -15.79
C LEU C 43 -1.42 -28.37 -15.29
N VAL C 44 -1.65 -27.32 -14.53
CA VAL C 44 -0.58 -26.50 -13.97
C VAL C 44 -0.08 -27.11 -12.66
N SER C 45 -0.96 -27.81 -11.96
CA SER C 45 -0.63 -28.36 -10.64
C SER C 45 0.76 -29.03 -10.56
N PRO C 46 1.10 -29.89 -11.54
CA PRO C 46 2.38 -30.61 -11.40
C PRO C 46 3.63 -29.71 -11.48
N LEU C 47 3.51 -28.50 -12.02
CA LEU C 47 4.67 -27.61 -12.07
C LEU C 47 5.20 -27.28 -10.68
N PHE C 48 4.31 -27.13 -9.71
CA PHE C 48 4.76 -26.81 -8.35
C PHE C 48 5.66 -27.89 -7.75
N GLY C 49 5.27 -29.15 -7.90
CA GLY C 49 6.09 -30.27 -7.47
C GLY C 49 7.45 -30.26 -8.16
N CYS C 50 7.48 -29.86 -9.42
CA CYS C 50 8.74 -29.82 -10.15
C CYS C 50 9.73 -28.85 -9.52
N LEU C 51 9.22 -27.78 -8.93
CA LEU C 51 10.07 -26.73 -8.38
C LEU C 51 10.71 -27.15 -7.05
N GLY C 52 10.20 -28.23 -6.46
CA GLY C 52 10.80 -28.80 -5.27
C GLY C 52 10.26 -28.28 -3.95
N ILE C 53 10.93 -28.64 -2.86
CA ILE C 53 10.41 -28.40 -1.51
C ILE C 53 10.14 -26.95 -1.15
N ALA C 54 10.81 -26.02 -1.83
CA ALA C 54 10.53 -24.60 -1.59
C ALA C 54 9.05 -24.30 -1.80
N PHE C 55 8.44 -25.01 -2.76
CA PHE C 55 7.05 -24.75 -3.09
C PHE C 55 6.09 -25.77 -2.49
N LYS C 56 6.52 -26.39 -1.39
CA LYS C 56 5.64 -27.32 -0.67
C LYS C 56 4.29 -26.70 -0.29
N PHE C 57 4.28 -25.42 0.07
CA PHE C 57 3.03 -24.76 0.44
C PHE C 57 1.97 -24.91 -0.65
N ALA C 58 2.40 -25.05 -1.90
CA ALA C 58 1.45 -25.08 -3.00
C ALA C 58 0.65 -26.38 -3.06
N GLU C 59 1.11 -27.42 -2.37
CA GLU C 59 0.33 -28.65 -2.35
C GLU C 59 -1.05 -28.41 -1.73
N MET C 60 -1.08 -27.75 -0.57
CA MET C 60 -2.33 -27.43 0.09
C MET C 60 -3.00 -26.18 -0.48
N ASP C 61 -2.18 -25.19 -0.84
CA ASP C 61 -2.72 -23.88 -1.22
C ASP C 61 -3.02 -23.73 -2.71
N TYR C 62 -2.58 -24.67 -3.53
CA TYR C 62 -2.97 -24.69 -4.95
C TYR C 62 -3.54 -26.05 -5.38
N VAL C 63 -2.68 -27.07 -5.44
CA VAL C 63 -3.08 -28.36 -5.96
C VAL C 63 -4.38 -28.88 -5.31
N ALA C 64 -4.46 -28.86 -3.98
CA ALA C 64 -5.63 -29.39 -3.28
C ALA C 64 -6.88 -28.56 -3.52
N KCX C 65 -6.70 -27.27 -3.76
CA KCX C 65 -7.82 -26.39 -3.99
CB KCX C 65 -7.48 -24.94 -3.60
CG KCX C 65 -7.11 -24.91 -2.11
CD KCX C 65 -6.94 -23.53 -1.50
CE KCX C 65 -6.78 -23.70 0.02
NZ KCX C 65 -6.08 -22.58 0.73
C KCX C 65 -8.33 -26.54 -5.41
O KCX C 65 -9.53 -26.48 -5.66
CX KCX C 65 -6.76 -21.61 1.34
OQ1 KCX C 65 -8.00 -21.59 1.32
OQ2 KCX C 65 -6.15 -20.70 1.94
N VAL C 66 -7.41 -26.79 -6.35
CA VAL C 66 -7.81 -27.14 -7.71
C VAL C 66 -8.63 -28.44 -7.70
N ASP C 67 -8.20 -29.39 -6.89
CA ASP C 67 -8.86 -30.69 -6.85
C ASP C 67 -10.26 -30.55 -6.29
N ASP C 68 -10.44 -29.64 -5.35
CA ASP C 68 -11.76 -29.35 -4.79
C ASP C 68 -12.68 -28.80 -5.89
N LEU C 69 -12.14 -27.93 -6.73
CA LEU C 69 -12.93 -27.35 -7.82
C LEU C 69 -13.30 -28.40 -8.85
N VAL C 70 -12.36 -29.29 -9.16
CA VAL C 70 -12.61 -30.39 -10.09
C VAL C 70 -13.77 -31.23 -9.59
N ARG C 71 -13.75 -31.50 -8.29
CA ARG C 71 -14.78 -32.27 -7.62
C ARG C 71 -16.15 -31.62 -7.74
N ALA C 72 -16.21 -30.30 -7.53
CA ALA C 72 -17.49 -29.60 -7.53
C ALA C 72 -17.99 -29.28 -8.94
N SER C 73 -17.11 -29.46 -9.94
CA SER C 73 -17.46 -29.04 -11.29
C SER C 73 -18.60 -29.86 -11.89
N SER C 74 -18.76 -31.09 -11.42
CA SER C 74 -19.78 -31.98 -11.98
C SER C 74 -21.19 -31.47 -11.67
N SER C 75 -21.31 -30.55 -10.72
CA SER C 75 -22.63 -30.12 -10.25
C SER C 75 -22.85 -28.61 -10.36
N ILE C 76 -21.85 -27.88 -10.83
CA ILE C 76 -21.98 -26.44 -10.96
C ILE C 76 -21.56 -26.03 -12.38
N SER C 77 -22.38 -25.22 -13.02
CA SER C 77 -22.16 -24.89 -14.43
C SER C 77 -20.98 -23.96 -14.67
N THR C 78 -21.09 -22.71 -14.21
CA THR C 78 -20.07 -21.71 -14.50
C THR C 78 -19.43 -21.15 -13.23
N LEU C 79 -18.31 -20.46 -13.41
CA LEU C 79 -17.66 -19.75 -12.30
C LEU C 79 -18.57 -18.70 -11.68
N VAL C 80 -19.31 -17.98 -12.51
CA VAL C 80 -20.21 -16.97 -11.98
C VAL C 80 -21.29 -17.61 -11.10
N VAL C 81 -21.88 -18.70 -11.57
CA VAL C 81 -22.89 -19.40 -10.80
C VAL C 81 -22.27 -19.87 -9.49
N MET C 82 -21.06 -20.42 -9.60
CA MET C 82 -20.33 -20.87 -8.42
C MET C 82 -20.17 -19.79 -7.36
N MET C 83 -19.75 -18.61 -7.77
CA MET C 83 -19.55 -17.52 -6.82
C MET C 83 -20.87 -16.99 -6.27
N ASP C 84 -21.88 -16.85 -7.13
CA ASP C 84 -23.19 -16.38 -6.67
C ASP C 84 -23.79 -17.26 -5.58
N LYS C 85 -23.59 -18.58 -5.70
CA LYS C 85 -24.12 -19.51 -4.72
C LYS C 85 -23.45 -19.31 -3.35
N ASP C 86 -22.14 -19.08 -3.33
CA ASP C 86 -21.42 -18.83 -2.09
C ASP C 86 -21.84 -17.51 -1.45
N ILE C 87 -22.06 -16.50 -2.30
CA ILE C 87 -22.50 -15.20 -1.82
C ILE C 87 -23.90 -15.34 -1.20
N GLU C 88 -24.77 -16.10 -1.86
CA GLU C 88 -26.09 -16.35 -1.33
C GLU C 88 -26.05 -17.12 -0.01
N ALA C 89 -25.12 -18.06 0.11
CA ALA C 89 -24.98 -18.86 1.32
C ALA C 89 -24.20 -18.15 2.43
N ASP C 90 -23.62 -17.00 2.10
CA ASP C 90 -22.76 -16.24 3.01
CA ASP C 90 -22.79 -16.25 3.05
C ASP C 90 -21.56 -17.05 3.51
N CYS C 91 -20.93 -17.78 2.61
CA CYS C 91 -19.80 -18.63 2.99
C CYS C 91 -18.54 -18.29 2.22
N VAL C 92 -18.47 -17.10 1.66
CA VAL C 92 -17.40 -16.78 0.72
C VAL C 92 -16.01 -17.06 1.30
N ARG C 93 -15.74 -16.59 2.51
CA ARG C 93 -14.39 -16.64 3.05
C ARG C 93 -14.07 -17.85 3.93
N LYS C 94 -15.03 -18.75 4.11
CA LYS C 94 -14.78 -19.95 4.91
C LYS C 94 -13.84 -20.89 4.16
N ALA C 95 -12.89 -21.49 4.87
CA ALA C 95 -11.99 -22.45 4.25
C ALA C 95 -12.80 -23.57 3.60
N GLY C 96 -12.44 -23.91 2.37
CA GLY C 96 -13.11 -24.96 1.64
C GLY C 96 -14.24 -24.49 0.73
N SER C 97 -14.61 -23.22 0.85
CA SER C 97 -15.63 -22.69 -0.03
C SER C 97 -15.08 -22.67 -1.44
N HIS C 98 -15.95 -22.84 -2.43
CA HIS C 98 -15.51 -22.88 -3.80
C HIS C 98 -14.93 -21.53 -4.20
N THR C 99 -15.53 -20.46 -3.70
CA THR C 99 -15.06 -19.12 -4.05
C THR C 99 -13.70 -18.82 -3.44
N ARG C 100 -13.48 -19.25 -2.21
CA ARG C 100 -12.15 -19.09 -1.62
C ARG C 100 -11.13 -19.95 -2.36
N ASN C 101 -11.54 -21.15 -2.75
CA ASN C 101 -10.65 -21.99 -3.55
C ASN C 101 -10.31 -21.31 -4.87
N LEU C 102 -11.29 -20.67 -5.49
CA LEU C 102 -11.06 -19.98 -6.75
C LEU C 102 -10.02 -18.87 -6.57
N LEU C 103 -10.13 -18.14 -5.46
CA LEU C 103 -9.19 -17.07 -5.15
C LEU C 103 -7.78 -17.62 -5.02
N ARG C 104 -7.63 -18.72 -4.28
CA ARG C 104 -6.32 -19.35 -4.10
C ARG C 104 -5.76 -19.85 -5.43
N VAL C 105 -6.62 -20.43 -6.25
CA VAL C 105 -6.18 -20.97 -7.53
C VAL C 105 -5.72 -19.82 -8.45
N LYS C 106 -6.43 -18.70 -8.39
CA LYS C 106 -6.07 -17.51 -9.16
C LYS C 106 -4.63 -17.09 -8.87
N ARG C 107 -4.27 -17.06 -7.59
CA ARG C 107 -2.91 -16.66 -7.23
C ARG C 107 -1.87 -17.60 -7.80
N GLY C 108 -2.19 -18.90 -7.81
CA GLY C 108 -1.32 -19.87 -8.41
C GLY C 108 -1.11 -19.63 -9.90
N LEU C 109 -2.18 -19.34 -10.62
CA LEU C 109 -2.05 -19.07 -12.07
C LEU C 109 -1.15 -17.87 -12.29
N ASP C 110 -1.27 -16.90 -11.39
CA ASP C 110 -0.52 -15.65 -11.51
C ASP C 110 0.95 -15.90 -11.22
N MET C 111 1.26 -16.72 -10.22
CA MET C 111 2.66 -17.02 -9.95
C MET C 111 3.31 -17.74 -11.12
N VAL C 112 2.57 -18.63 -11.76
CA VAL C 112 3.12 -19.34 -12.92
C VAL C 112 3.31 -18.37 -14.10
N LYS C 113 2.38 -17.44 -14.27
CA LYS C 113 2.52 -16.42 -15.30
C LYS C 113 3.80 -15.61 -15.09
N VAL C 114 4.02 -15.14 -13.86
CA VAL C 114 5.20 -14.34 -13.55
C VAL C 114 6.47 -15.19 -13.64
N LEU C 115 6.39 -16.44 -13.15
CA LEU C 115 7.53 -17.35 -13.29
C LEU C 115 7.95 -17.50 -14.75
N PHE C 116 6.96 -17.74 -15.61
CA PHE C 116 7.24 -17.91 -17.04
C PHE C 116 7.84 -16.64 -17.66
N GLU C 117 7.24 -15.49 -17.33
CA GLU C 117 7.80 -14.21 -17.77
C GLU C 117 9.28 -14.11 -17.40
N GLN C 118 9.60 -14.46 -16.16
CA GLN C 118 10.98 -14.36 -15.68
C GLN C 118 11.91 -15.42 -16.26
N ILE C 119 11.41 -16.63 -16.50
CA ILE C 119 12.23 -17.67 -17.13
C ILE C 119 12.58 -17.24 -18.55
N ILE C 120 11.60 -16.68 -19.26
CA ILE C 120 11.85 -16.15 -20.59
C ILE C 120 12.91 -15.04 -20.52
N ALA C 121 12.79 -14.18 -19.52
CA ALA C 121 13.69 -13.05 -19.37
C ALA C 121 15.11 -13.47 -19.00
N SER C 122 15.23 -14.56 -18.25
CA SER C 122 16.54 -14.97 -17.77
C SER C 122 17.24 -16.00 -18.67
N GLU C 123 16.72 -16.20 -19.87
CA GLU C 123 17.37 -17.09 -20.83
C GLU C 123 18.84 -16.73 -20.93
N GLY C 124 19.70 -17.74 -20.88
CA GLY C 124 21.13 -17.50 -20.84
C GLY C 124 21.73 -17.75 -19.46
N ASP C 125 20.86 -17.80 -18.45
CA ASP C 125 21.28 -18.08 -17.09
C ASP C 125 20.77 -19.47 -16.72
N ASN C 126 21.67 -20.35 -16.28
CA ASN C 126 21.29 -21.74 -16.00
C ASN C 126 20.59 -21.92 -14.66
N SER C 127 20.60 -20.89 -13.84
CA SER C 127 19.96 -20.94 -12.53
C SER C 127 18.53 -20.44 -12.63
N LEU C 128 17.61 -21.11 -11.92
CA LEU C 128 16.22 -20.67 -11.84
C LEU C 128 15.97 -19.86 -10.57
N LYS C 129 17.01 -19.63 -9.78
CA LYS C 129 16.81 -18.98 -8.49
C LYS C 129 16.18 -17.60 -8.62
N ASP C 130 16.63 -16.78 -9.58
CA ASP C 130 16.07 -15.43 -9.68
C ASP C 130 14.60 -15.46 -10.16
N PRO C 131 14.32 -16.21 -11.23
CA PRO C 131 12.92 -16.30 -11.67
C PRO C 131 11.98 -16.89 -10.62
N ALA C 132 12.42 -17.93 -9.92
CA ALA C 132 11.60 -18.56 -8.89
C ALA C 132 11.38 -17.60 -7.73
N THR C 133 12.44 -16.93 -7.28
CA THR C 133 12.33 -16.02 -6.15
C THR C 133 11.55 -14.74 -6.48
N LYS C 134 11.76 -14.21 -7.68
CA LYS C 134 10.98 -13.05 -8.13
C LYS C 134 9.49 -13.36 -8.22
N SER C 135 9.15 -14.51 -8.80
CA SER C 135 7.74 -14.84 -8.96
C SER C 135 7.09 -15.10 -7.60
N TYR C 136 7.78 -15.83 -6.74
CA TYR C 136 7.30 -16.05 -5.38
C TYR C 136 7.07 -14.71 -4.65
N ALA C 137 8.08 -13.86 -4.67
CA ALA C 137 8.04 -12.58 -3.99
C ALA C 137 6.89 -11.70 -4.46
N GLN C 138 6.65 -11.68 -5.76
CA GLN C 138 5.60 -10.83 -6.28
C GLN C 138 4.20 -11.32 -5.95
N VAL C 139 4.00 -12.63 -6.03
CA VAL C 139 2.66 -13.19 -6.02
C VAL C 139 2.24 -13.81 -4.69
N PHE C 140 3.14 -14.58 -4.07
CA PHE C 140 2.79 -15.32 -2.84
C PHE C 140 3.32 -14.71 -1.54
N ALA C 141 4.53 -14.17 -1.59
CA ALA C 141 5.13 -13.59 -0.39
C ALA C 141 4.19 -12.63 0.38
N PRO C 142 3.43 -11.77 -0.34
CA PRO C 142 2.57 -10.81 0.37
C PRO C 142 1.49 -11.48 1.22
N HIS C 143 1.19 -12.73 0.93
CA HIS C 143 0.13 -13.45 1.62
C HIS C 143 0.66 -14.47 2.61
N HIS C 144 1.97 -14.44 2.84
CA HIS C 144 2.64 -15.44 3.66
C HIS C 144 3.36 -14.79 4.85
N GLY C 145 3.12 -15.31 6.05
CA GLY C 145 3.87 -14.88 7.22
C GLY C 145 5.29 -15.42 7.18
N TRP C 146 6.14 -14.97 8.12
CA TRP C 146 7.54 -15.34 8.12
C TRP C 146 7.78 -16.84 8.18
N ALA C 147 7.01 -17.54 9.00
CA ALA C 147 7.13 -18.99 9.11
C ALA C 147 7.17 -19.66 7.72
N ILE C 148 6.23 -19.30 6.87
CA ILE C 148 6.16 -19.85 5.51
C ILE C 148 7.29 -19.29 4.63
N ARG C 149 7.48 -17.98 4.64
CA ARG C 149 8.51 -17.36 3.80
C ARG C 149 9.89 -17.94 4.10
N LYS C 150 10.17 -18.18 5.38
CA LYS C 150 11.44 -18.78 5.78
C LYS C 150 11.64 -20.17 5.18
N ALA C 151 10.59 -20.97 5.22
CA ALA C 151 10.65 -22.31 4.64
C ALA C 151 10.87 -22.26 3.13
N VAL C 152 10.25 -21.29 2.48
CA VAL C 152 10.41 -21.16 1.02
C VAL C 152 11.87 -20.85 0.69
N SER C 153 12.46 -19.93 1.46
CA SER C 153 13.89 -19.59 1.32
C SER C 153 14.81 -20.77 1.55
N LEU C 154 14.54 -21.54 2.60
CA LEU C 154 15.40 -22.66 2.93
C LEU C 154 15.33 -23.76 1.87
N GLY C 155 14.19 -23.87 1.20
CA GLY C 155 13.97 -24.92 0.22
C GLY C 155 14.50 -24.59 -1.16
N MET C 156 14.87 -23.33 -1.38
CA MET C 156 15.38 -22.90 -2.68
C MET C 156 16.61 -23.67 -3.14
N TYR C 157 17.37 -24.20 -2.19
CA TYR C 157 18.55 -25.00 -2.50
C TYR C 157 18.20 -26.16 -3.40
N ALA C 158 16.99 -26.70 -3.21
CA ALA C 158 16.51 -27.86 -3.95
C ALA C 158 15.82 -27.51 -5.28
N LEU C 159 15.74 -26.22 -5.60
CA LEU C 159 15.10 -25.80 -6.84
C LEU C 159 15.86 -26.44 -8.00
N PRO C 160 15.14 -26.99 -8.99
CA PRO C 160 15.86 -27.64 -10.08
C PRO C 160 16.66 -26.64 -10.89
N THR C 161 17.75 -27.07 -11.52
CA THR C 161 18.46 -26.23 -12.47
CA THR C 161 18.45 -26.19 -12.45
C THR C 161 17.58 -26.05 -13.70
N ARG C 162 17.88 -25.04 -14.53
CA ARG C 162 17.03 -24.75 -15.68
C ARG C 162 16.90 -25.93 -16.66
N ALA C 163 18.02 -26.60 -16.92
CA ALA C 163 18.01 -27.73 -17.84
C ALA C 163 17.13 -28.86 -17.32
N HIS C 164 17.12 -29.03 -16.00
CA HIS C 164 16.42 -30.13 -15.38
C HIS C 164 14.92 -29.86 -15.43
N LEU C 165 14.52 -28.61 -15.22
CA LEU C 165 13.10 -28.26 -15.36
C LEU C 165 12.62 -28.52 -16.79
N LEU C 166 13.41 -28.11 -17.77
CA LEU C 166 13.04 -28.31 -19.17
C LEU C 166 12.96 -29.80 -19.51
N ASN C 167 13.90 -30.57 -18.97
CA ASN C 167 13.86 -32.02 -19.15
C ASN C 167 12.59 -32.62 -18.59
N MET C 168 12.22 -32.18 -17.38
CA MET C 168 11.02 -32.67 -16.76
C MET C 168 9.79 -32.32 -17.59
N LEU C 169 9.82 -31.18 -18.27
CA LEU C 169 8.73 -30.77 -19.13
C LEU C 169 8.88 -31.33 -20.55
N LYS C 170 10.01 -31.98 -20.80
CA LYS C 170 10.27 -32.63 -22.08
C LYS C 170 10.34 -31.65 -23.26
N GLU C 171 10.93 -30.49 -23.05
CA GLU C 171 11.08 -29.49 -24.10
C GLU C 171 12.50 -28.96 -24.17
N ASP C 172 12.92 -28.48 -25.33
CA ASP C 172 14.15 -27.71 -25.40
C ASP C 172 13.82 -26.22 -25.21
N GLU C 173 14.85 -25.38 -25.14
CA GLU C 173 14.65 -23.96 -24.87
C GLU C 173 13.70 -23.28 -25.86
N ALA C 174 13.96 -23.50 -27.16
CA ALA C 174 13.15 -22.86 -28.18
C ALA C 174 11.66 -23.20 -28.08
N ALA C 175 11.34 -24.48 -27.96
CA ALA C 175 9.94 -24.89 -27.85
C ALA C 175 9.29 -24.43 -26.56
N ALA C 176 10.01 -24.56 -25.44
CA ALA C 176 9.46 -24.13 -24.17
C ALA C 176 9.13 -22.62 -24.20
N LYS C 177 9.98 -21.83 -24.83
CA LYS C 177 9.74 -20.39 -24.92
C LYS C 177 8.41 -20.09 -25.60
N ILE C 178 8.12 -20.79 -26.70
CA ILE C 178 6.86 -20.60 -27.42
C ILE C 178 5.65 -20.91 -26.52
N HIS C 179 5.68 -22.04 -25.82
CA HIS C 179 4.57 -22.43 -24.97
C HIS C 179 4.42 -21.57 -23.71
N MET C 180 5.54 -21.18 -23.10
CA MET C 180 5.49 -20.24 -21.98
C MET C 180 4.94 -18.87 -22.42
N GLN C 181 5.38 -18.37 -23.57
CA GLN C 181 4.84 -17.11 -24.08
C GLN C 181 3.33 -17.22 -24.24
N SER C 182 2.88 -18.36 -24.77
CA SER C 182 1.47 -18.58 -25.02
C SER C 182 0.70 -18.56 -23.72
N TYR C 183 1.20 -19.26 -22.70
CA TYR C 183 0.52 -19.24 -21.41
C TYR C 183 0.46 -17.83 -20.83
N VAL C 184 1.58 -17.13 -20.90
CA VAL C 184 1.64 -15.77 -20.40
C VAL C 184 0.59 -14.90 -21.09
N ASN C 185 0.52 -15.00 -22.41
CA ASN C 185 -0.46 -14.26 -23.20
C ASN C 185 -1.91 -14.62 -22.87
N SER C 186 -2.16 -15.91 -22.68
CA SER C 186 -3.52 -16.41 -22.43
C SER C 186 -3.99 -16.24 -21.00
N SER C 187 -3.07 -16.40 -20.06
CA SER C 187 -3.45 -16.39 -18.65
C SER C 187 -3.75 -14.98 -18.17
N ALA C 188 -3.16 -13.98 -18.81
CA ALA C 188 -3.31 -12.60 -18.37
C ALA C 188 -4.78 -12.15 -18.33
N PRO C 189 -5.50 -12.25 -19.47
CA PRO C 189 -6.92 -11.85 -19.45
C PRO C 189 -7.77 -12.72 -18.52
N LEU C 190 -7.41 -13.98 -18.38
CA LEU C 190 -8.12 -14.87 -17.46
C LEU C 190 -7.97 -14.38 -16.02
N ILE C 191 -6.74 -14.10 -15.60
CA ILE C 191 -6.50 -13.60 -14.25
C ILE C 191 -7.24 -12.27 -14.05
N THR C 192 -7.25 -11.42 -15.08
CA THR C 192 -7.97 -10.15 -14.98
C THR C 192 -9.47 -10.40 -14.86
N TYR C 193 -9.98 -11.32 -15.67
CA TYR C 193 -11.39 -11.70 -15.61
C TYR C 193 -11.76 -12.17 -14.20
N LEU C 194 -10.91 -13.02 -13.63
CA LEU C 194 -11.15 -13.55 -12.29
C LEU C 194 -11.14 -12.45 -11.23
N ASP C 195 -10.07 -11.65 -11.23
CA ASP C 195 -10.00 -10.48 -10.36
C ASP C 195 -11.28 -9.65 -10.44
N ASN C 196 -11.76 -9.42 -11.66
CA ASN C 196 -12.94 -8.57 -11.85
C ASN C 196 -14.22 -9.18 -11.30
N LEU C 197 -14.34 -10.50 -11.35
CA LEU C 197 -15.47 -11.18 -10.74
C LEU C 197 -15.50 -10.88 -9.23
N PHE C 198 -14.36 -11.02 -8.57
CA PHE C 198 -14.33 -10.78 -7.12
C PHE C 198 -14.64 -9.32 -6.80
N LEU C 199 -14.04 -8.41 -7.57
CA LEU C 199 -14.19 -6.98 -7.31
C LEU C 199 -15.59 -6.49 -7.62
N SER C 200 -16.13 -6.88 -8.77
CA SER C 200 -17.45 -6.45 -9.19
C SER C 200 -18.54 -7.05 -8.30
N LYS C 201 -18.19 -8.11 -7.59
CA LYS C 201 -19.10 -8.72 -6.63
C LYS C 201 -18.81 -8.30 -5.18
N GLN C 202 -17.95 -7.30 -5.03
CA GLN C 202 -17.69 -6.70 -3.72
CA GLN C 202 -17.66 -6.69 -3.72
C GLN C 202 -17.03 -7.64 -2.70
N LEU C 203 -16.18 -8.55 -3.18
CA LEU C 203 -15.54 -9.53 -2.31
C LEU C 203 -14.11 -9.16 -1.88
N GLY C 204 -13.40 -8.40 -2.71
CA GLY C 204 -11.98 -8.16 -2.49
C GLY C 204 -11.14 -9.36 -2.91
N ILE C 205 -9.81 -9.22 -2.92
CA ILE C 205 -8.94 -10.31 -3.37
C ILE C 205 -7.70 -10.54 -2.50
N ASP C 206 -7.57 -9.82 -1.40
CA ASP C 206 -6.39 -9.93 -0.56
C ASP C 206 -6.62 -10.70 0.73
N TRP C 207 -7.77 -11.36 0.80
CA TRP C 207 -8.09 -12.17 1.97
C TRP C 207 -7.71 -13.63 1.76
N ALA D 7 3.51 6.24 3.32
CA ALA D 7 3.88 7.52 2.75
C ALA D 7 5.00 8.21 3.53
N ASP D 8 5.43 7.58 4.62
CA ASP D 8 6.59 8.04 5.37
C ASP D 8 7.87 7.55 4.70
N LYS D 9 7.71 6.64 3.75
CA LYS D 9 8.84 6.06 3.02
C LYS D 9 9.72 7.13 2.38
N PRO D 10 11.05 6.97 2.51
CA PRO D 10 12.03 8.00 2.13
C PRO D 10 11.94 8.48 0.68
N LEU D 11 11.74 7.59 -0.29
CA LEU D 11 11.64 8.04 -1.68
C LEU D 11 10.39 8.87 -1.91
N ARG D 12 9.36 8.62 -1.10
CA ARG D 12 8.11 9.35 -1.24
C ARG D 12 8.19 10.72 -0.57
N LYS D 13 8.87 10.81 0.57
CA LYS D 13 9.09 12.13 1.17
C LYS D 13 9.89 12.98 0.20
N ILE D 14 10.91 12.38 -0.40
CA ILE D 14 11.74 13.06 -1.39
C ILE D 14 10.92 13.50 -2.59
N SER D 15 10.18 12.58 -3.20
CA SER D 15 9.43 12.93 -4.40
C SER D 15 8.42 14.04 -4.13
N ALA D 16 7.77 13.99 -2.97
CA ALA D 16 6.74 14.99 -2.62
C ALA D 16 7.35 16.37 -2.44
N ALA D 17 8.46 16.44 -1.73
CA ALA D 17 9.13 17.71 -1.48
C ALA D 17 9.66 18.34 -2.74
N PHE D 18 10.26 17.54 -3.62
CA PHE D 18 10.86 18.11 -4.81
C PHE D 18 9.83 18.50 -5.87
N LYS D 19 8.68 17.85 -5.87
CA LYS D 19 7.61 18.26 -6.77
CA LYS D 19 7.59 18.25 -6.76
C LYS D 19 7.18 19.69 -6.44
N LYS D 20 7.11 20.02 -5.15
CA LYS D 20 6.75 21.36 -4.72
C LYS D 20 7.76 22.38 -5.22
N LEU D 21 9.05 22.03 -5.16
CA LEU D 21 10.08 22.96 -5.57
C LEU D 21 10.08 23.16 -7.09
N ALA D 22 9.78 22.10 -7.84
CA ALA D 22 9.72 22.21 -9.29
C ALA D 22 8.60 23.16 -9.70
N ILE D 23 7.47 23.08 -8.99
CA ILE D 23 6.36 23.99 -9.26
C ILE D 23 6.81 25.44 -9.11
N ILE D 24 7.52 25.71 -8.02
CA ILE D 24 8.02 27.05 -7.76
C ILE D 24 9.00 27.52 -8.84
N VAL D 25 10.01 26.72 -9.15
CA VAL D 25 11.05 27.20 -10.04
C VAL D 25 10.58 27.31 -11.50
N ASN D 26 9.43 26.73 -11.81
CA ASN D 26 8.90 26.76 -13.17
C ASN D 26 8.00 27.97 -13.44
N SER D 27 7.86 28.82 -12.43
CA SER D 27 7.01 30.02 -12.53
C SER D 27 7.78 31.21 -13.11
N PRO D 28 7.06 32.26 -13.54
CA PRO D 28 7.70 33.43 -14.17
C PRO D 28 8.78 34.08 -13.31
N ASN D 29 8.54 34.17 -12.01
CA ASN D 29 9.48 34.80 -11.10
C ASN D 29 9.56 34.00 -9.79
N PRO D 30 10.29 32.88 -9.81
CA PRO D 30 10.30 31.96 -8.67
C PRO D 30 10.78 32.62 -7.39
N GLU D 31 10.15 32.27 -6.28
CA GLU D 31 10.60 32.67 -4.96
C GLU D 31 10.83 31.42 -4.13
N VAL D 32 12.09 31.02 -3.99
CA VAL D 32 12.43 29.78 -3.30
C VAL D 32 12.89 30.00 -1.86
N PRO D 33 12.06 29.56 -0.90
CA PRO D 33 12.40 29.74 0.52
C PRO D 33 13.59 28.88 0.92
N VAL D 34 14.52 29.44 1.70
CA VAL D 34 15.67 28.65 2.14
C VAL D 34 15.24 27.51 3.04
N THR D 35 14.24 27.76 3.89
CA THR D 35 13.71 26.71 4.76
CA THR D 35 13.69 26.71 4.75
C THR D 35 13.18 25.53 3.95
N GLN D 36 12.32 25.80 2.97
CA GLN D 36 11.73 24.76 2.14
C GLN D 36 12.82 24.03 1.34
N PHE D 37 13.74 24.79 0.77
CA PHE D 37 14.82 24.22 -0.03
C PHE D 37 15.71 23.32 0.81
N SER D 38 16.20 23.84 1.92
CA SER D 38 17.11 23.06 2.76
C SER D 38 16.43 21.81 3.31
N HIS D 39 15.16 21.91 3.68
CA HIS D 39 14.45 20.74 4.17
C HIS D 39 14.36 19.62 3.14
N ALA D 40 13.98 19.97 1.91
CA ALA D 40 13.96 19.00 0.82
C ALA D 40 15.31 18.31 0.63
N CYS D 41 16.38 19.11 0.59
CA CYS D 41 17.72 18.55 0.41
C CYS D 41 18.08 17.64 1.57
N SER D 42 17.51 17.89 2.74
CA SER D 42 17.84 17.08 3.91
C SER D 42 17.22 15.69 3.82
N LEU D 43 16.17 15.57 3.01
CA LEU D 43 15.51 14.28 2.77
C LEU D 43 16.35 13.39 1.86
N VAL D 44 17.23 14.00 1.08
CA VAL D 44 18.12 13.27 0.20
C VAL D 44 19.35 12.74 0.95
N SER D 45 19.76 13.47 1.99
CA SER D 45 20.97 13.13 2.74
C SER D 45 21.11 11.66 3.12
N PRO D 46 20.03 11.05 3.65
CA PRO D 46 20.06 9.63 4.03
C PRO D 46 20.46 8.66 2.91
N LEU D 47 20.30 9.07 1.66
N LEU D 47 20.28 9.04 1.65
CA LEU D 47 20.63 8.19 0.54
CA LEU D 47 20.64 8.13 0.56
C LEU D 47 22.11 7.81 0.51
C LEU D 47 22.13 7.79 0.52
N PHE D 48 22.98 8.74 0.88
CA PHE D 48 24.42 8.48 0.80
C PHE D 48 24.90 7.35 1.70
N GLY D 49 24.33 7.28 2.91
CA GLY D 49 24.61 6.18 3.80
C GLY D 49 24.19 4.82 3.25
N CYS D 50 23.14 4.81 2.43
CA CYS D 50 22.65 3.58 1.81
C CYS D 50 23.62 3.02 0.77
N LEU D 51 24.47 3.86 0.19
CA LEU D 51 25.36 3.44 -0.88
C LEU D 51 26.67 2.90 -0.35
N GLY D 52 26.86 2.96 0.97
CA GLY D 52 27.98 2.29 1.60
C GLY D 52 29.28 3.07 1.67
N ILE D 53 30.37 2.35 1.91
CA ILE D 53 31.63 3.04 2.22
C ILE D 53 32.17 3.92 1.10
N ALA D 54 31.81 3.60 -0.15
CA ALA D 54 32.26 4.41 -1.29
C ALA D 54 31.88 5.88 -1.15
N PHE D 55 30.74 6.14 -0.52
CA PHE D 55 30.18 7.48 -0.50
C PHE D 55 30.35 8.23 0.81
N LYS D 56 31.31 7.78 1.62
CA LYS D 56 31.57 8.44 2.90
C LYS D 56 31.91 9.93 2.69
N PHE D 57 32.53 10.27 1.57
CA PHE D 57 32.87 11.67 1.25
C PHE D 57 31.65 12.57 1.30
N ALA D 58 30.47 11.99 1.04
CA ALA D 58 29.27 12.81 0.92
C ALA D 58 28.76 13.35 2.24
N GLU D 59 29.20 12.75 3.35
CA GLU D 59 28.82 13.30 4.63
C GLU D 59 29.38 14.72 4.76
N MET D 60 30.57 14.96 4.24
CA MET D 60 31.12 16.33 4.27
C MET D 60 30.81 17.14 3.00
N ASP D 61 30.79 16.50 1.84
CA ASP D 61 30.52 17.24 0.61
C ASP D 61 29.08 17.67 0.45
N TYR D 62 28.17 16.89 1.04
CA TYR D 62 26.76 17.17 0.88
C TYR D 62 26.01 17.35 2.19
N VAL D 63 25.96 16.32 3.03
CA VAL D 63 25.13 16.37 4.23
C VAL D 63 25.46 17.57 5.12
N ALA D 64 26.75 17.78 5.37
CA ALA D 64 27.20 18.89 6.21
C ALA D 64 26.79 20.24 5.62
N KCX D 65 26.86 20.34 4.29
CA KCX D 65 26.51 21.57 3.60
CB KCX D 65 26.95 21.51 2.14
CG KCX D 65 28.45 21.20 1.96
CD KCX D 65 29.33 22.29 2.55
CE KCX D 65 30.83 21.99 2.36
NZ KCX D 65 31.34 21.01 3.39
C KCX D 65 25.01 21.82 3.71
O KCX D 65 24.58 22.94 3.94
N VAL D 66 24.21 20.77 3.56
CA VAL D 66 22.77 20.91 3.72
C VAL D 66 22.46 21.44 5.12
N ASP D 67 23.07 20.81 6.13
CA ASP D 67 22.86 21.24 7.50
C ASP D 67 23.24 22.71 7.70
N ASP D 68 24.31 23.16 7.03
CA ASP D 68 24.68 24.58 7.10
C ASP D 68 23.59 25.46 6.51
N LEU D 69 22.97 25.01 5.42
CA LEU D 69 21.86 25.75 4.83
C LEU D 69 20.64 25.76 5.76
N VAL D 70 20.35 24.62 6.39
CA VAL D 70 19.25 24.54 7.33
C VAL D 70 19.46 25.57 8.43
N ARG D 71 20.68 25.63 8.94
CA ARG D 71 21.06 26.64 9.95
C ARG D 71 20.78 28.06 9.45
N ALA D 72 21.22 28.36 8.24
CA ALA D 72 21.08 29.69 7.69
C ALA D 72 19.62 30.08 7.39
N SER D 73 18.74 29.09 7.28
CA SER D 73 17.37 29.34 6.83
C SER D 73 16.56 30.21 7.80
N SER D 74 17.07 30.38 9.02
CA SER D 74 16.38 31.21 10.00
C SER D 74 16.64 32.70 9.79
N SER D 75 17.70 33.02 9.07
CA SER D 75 18.07 34.42 8.88
C SER D 75 18.12 34.86 7.42
N ILE D 76 17.93 33.91 6.50
CA ILE D 76 17.90 34.23 5.08
C ILE D 76 16.61 33.69 4.47
N SER D 77 15.83 34.58 3.86
CA SER D 77 14.48 34.25 3.41
C SER D 77 14.46 33.33 2.19
N THR D 78 15.09 33.76 1.09
CA THR D 78 15.04 33.00 -0.15
C THR D 78 16.42 32.78 -0.72
N LEU D 79 16.52 31.91 -1.72
CA LEU D 79 17.78 31.65 -2.39
C LEU D 79 18.29 32.92 -3.07
N VAL D 80 17.37 33.70 -3.64
CA VAL D 80 17.77 34.94 -4.30
C VAL D 80 18.43 35.89 -3.30
N VAL D 81 17.85 36.00 -2.12
CA VAL D 81 18.42 36.85 -1.09
C VAL D 81 19.78 36.32 -0.64
N MET D 82 19.87 35.00 -0.48
CA MET D 82 21.15 34.38 -0.12
C MET D 82 22.22 34.81 -1.11
N MET D 83 21.90 34.77 -2.40
CA MET D 83 22.85 35.18 -3.42
C MET D 83 23.16 36.68 -3.33
N ASP D 84 22.12 37.51 -3.21
CA ASP D 84 22.30 38.96 -3.11
C ASP D 84 23.18 39.35 -1.93
N LYS D 85 23.05 38.64 -0.82
CA LYS D 85 23.86 38.93 0.36
C LYS D 85 25.34 38.60 0.14
N ASP D 86 25.62 37.50 -0.55
CA ASP D 86 27.00 37.13 -0.88
C ASP D 86 27.56 38.05 -1.96
N ILE D 87 26.69 38.62 -2.79
CA ILE D 87 27.13 39.60 -3.76
C ILE D 87 27.59 40.88 -3.06
N GLU D 88 26.78 41.33 -2.10
CA GLU D 88 27.09 42.55 -1.36
C GLU D 88 28.40 42.42 -0.59
N ALA D 89 28.64 41.26 -0.02
CA ALA D 89 29.86 41.02 0.75
C ALA D 89 31.00 40.58 -0.16
N ASP D 90 30.73 40.52 -1.46
CA ASP D 90 31.67 40.05 -2.47
C ASP D 90 32.36 38.75 -2.02
N CYS D 91 31.56 37.74 -1.71
CA CYS D 91 32.09 36.43 -1.36
C CYS D 91 31.36 35.33 -2.10
N VAL D 92 30.71 35.67 -3.21
CA VAL D 92 30.01 34.66 -3.98
C VAL D 92 30.91 33.46 -4.32
N ARG D 93 30.48 32.28 -3.88
CA ARG D 93 31.16 31.02 -4.18
C ARG D 93 32.54 30.86 -3.54
N LYS D 94 32.91 31.73 -2.61
CA LYS D 94 34.21 31.59 -1.95
C LYS D 94 34.16 30.60 -0.79
N ALA D 95 35.33 30.08 -0.43
CA ALA D 95 35.44 29.23 0.76
C ALA D 95 34.67 29.87 1.91
N GLY D 96 33.83 29.09 2.56
CA GLY D 96 33.11 29.54 3.75
C GLY D 96 31.81 30.28 3.49
N SER D 97 31.44 30.43 2.22
CA SER D 97 30.25 31.21 1.87
C SER D 97 29.02 30.32 1.74
N HIS D 98 27.84 30.91 1.97
CA HIS D 98 26.60 30.19 1.76
C HIS D 98 26.46 29.77 0.31
N THR D 99 26.91 30.63 -0.61
CA THR D 99 26.74 30.32 -2.03
C THR D 99 27.63 29.16 -2.47
N ARG D 100 28.79 29.02 -1.84
CA ARG D 100 29.61 27.84 -2.11
C ARG D 100 28.89 26.60 -1.59
N ASN D 101 28.31 26.70 -0.40
CA ASN D 101 27.53 25.60 0.17
C ASN D 101 26.37 25.25 -0.77
N LEU D 102 25.72 26.27 -1.31
CA LEU D 102 24.60 26.04 -2.21
C LEU D 102 25.05 25.30 -3.47
N LEU D 103 26.20 25.69 -4.00
CA LEU D 103 26.71 25.03 -5.20
C LEU D 103 27.02 23.56 -4.92
N ARG D 104 27.52 23.27 -3.73
CA ARG D 104 27.87 21.88 -3.42
C ARG D 104 26.65 21.03 -3.15
N VAL D 105 25.61 21.65 -2.60
CA VAL D 105 24.35 20.97 -2.42
C VAL D 105 23.77 20.68 -3.80
N LYS D 106 23.80 21.67 -4.68
CA LYS D 106 23.40 21.44 -6.07
C LYS D 106 24.08 20.21 -6.69
N ARG D 107 25.37 20.05 -6.45
CA ARG D 107 26.07 18.90 -7.02
C ARG D 107 25.53 17.58 -6.48
N GLY D 108 25.22 17.53 -5.19
CA GLY D 108 24.66 16.31 -4.61
C GLY D 108 23.31 15.97 -5.24
N LEU D 109 22.47 16.98 -5.42
CA LEU D 109 21.17 16.76 -6.04
C LEU D 109 21.34 16.21 -7.45
N ASP D 110 22.34 16.73 -8.17
CA ASP D 110 22.61 16.30 -9.53
C ASP D 110 23.14 14.85 -9.55
N MET D 111 24.01 14.50 -8.61
CA MET D 111 24.52 13.14 -8.59
C MET D 111 23.37 12.16 -8.37
N VAL D 112 22.46 12.52 -7.48
CA VAL D 112 21.35 11.62 -7.18
C VAL D 112 20.42 11.53 -8.39
N LYS D 113 20.24 12.64 -9.09
CA LYS D 113 19.45 12.63 -10.32
C LYS D 113 20.05 11.67 -11.34
N VAL D 114 21.36 11.76 -11.56
CA VAL D 114 22.01 10.87 -12.52
C VAL D 114 21.97 9.42 -12.03
N LEU D 115 22.21 9.22 -10.73
CA LEU D 115 22.16 7.87 -10.19
C LEU D 115 20.80 7.23 -10.47
N PHE D 116 19.74 7.97 -10.15
CA PHE D 116 18.36 7.50 -10.34
C PHE D 116 18.05 7.19 -11.81
N GLU D 117 18.42 8.09 -12.71
CA GLU D 117 18.26 7.85 -14.14
C GLU D 117 18.91 6.52 -14.55
N GLN D 118 20.11 6.27 -14.02
CA GLN D 118 20.84 5.07 -14.41
C GLN D 118 20.23 3.83 -13.80
N ILE D 119 19.77 3.93 -12.55
CA ILE D 119 19.11 2.84 -11.87
C ILE D 119 17.83 2.46 -12.63
N ILE D 120 17.05 3.48 -12.98
CA ILE D 120 15.80 3.26 -13.69
C ILE D 120 16.07 2.56 -15.01
N ALA D 121 17.16 2.92 -15.67
CA ALA D 121 17.42 2.40 -17.01
C ALA D 121 18.12 1.02 -16.98
N SER D 122 18.43 0.52 -15.78
CA SER D 122 19.15 -0.75 -15.68
C SER D 122 18.36 -1.82 -14.91
N GLU D 123 17.03 -1.68 -14.92
CA GLU D 123 16.17 -2.68 -14.32
C GLU D 123 16.49 -4.08 -14.88
N GLY D 124 16.65 -5.06 -13.99
CA GLY D 124 17.06 -6.40 -14.37
C GLY D 124 18.46 -6.76 -13.92
N ASP D 125 19.28 -5.73 -13.65
CA ASP D 125 20.63 -5.93 -13.13
C ASP D 125 20.57 -5.79 -11.62
N ASN D 126 21.07 -6.79 -10.89
CA ASN D 126 21.09 -6.65 -9.44
C ASN D 126 22.30 -5.84 -8.97
N SER D 127 23.26 -5.63 -9.86
CA SER D 127 24.43 -4.84 -9.52
C SER D 127 24.18 -3.34 -9.72
N LEU D 128 24.54 -2.53 -8.73
CA LEU D 128 24.43 -1.07 -8.87
C LEU D 128 25.75 -0.44 -9.29
N LYS D 129 26.73 -1.27 -9.62
CA LYS D 129 28.08 -0.77 -9.92
C LYS D 129 28.11 0.26 -11.04
N ASP D 130 27.50 -0.05 -12.17
CA ASP D 130 27.53 0.88 -13.29
C ASP D 130 26.80 2.20 -12.99
N PRO D 131 25.56 2.13 -12.44
CA PRO D 131 24.93 3.42 -12.12
C PRO D 131 25.71 4.24 -11.10
N ALA D 132 26.23 3.61 -10.05
CA ALA D 132 26.96 4.37 -9.04
C ALA D 132 28.25 4.97 -9.63
N THR D 133 28.97 4.17 -10.41
CA THR D 133 30.24 4.61 -11.00
CA THR D 133 30.23 4.64 -10.98
C THR D 133 30.01 5.75 -12.00
N LYS D 134 28.98 5.61 -12.84
CA LYS D 134 28.69 6.65 -13.82
C LYS D 134 28.28 7.96 -13.14
N SER D 135 27.41 7.87 -12.15
CA SER D 135 26.92 9.08 -11.50
C SER D 135 28.06 9.78 -10.74
N TYR D 136 28.87 9.00 -10.03
CA TYR D 136 30.05 9.56 -9.35
C TYR D 136 31.03 10.22 -10.34
N ALA D 137 31.36 9.52 -11.43
CA ALA D 137 32.28 10.06 -12.43
C ALA D 137 31.78 11.35 -13.07
N GLN D 138 30.48 11.41 -13.33
CA GLN D 138 29.95 12.57 -14.03
C GLN D 138 29.93 13.81 -13.13
N VAL D 139 29.56 13.64 -11.86
CA VAL D 139 29.28 14.78 -11.00
C VAL D 139 30.39 15.11 -9.98
N PHE D 140 30.90 14.09 -9.30
CA PHE D 140 31.84 14.34 -8.19
C PHE D 140 33.32 14.18 -8.51
N ALA D 141 33.67 13.14 -9.26
CA ALA D 141 35.06 12.84 -9.55
C ALA D 141 35.88 14.07 -10.01
N PRO D 142 35.30 14.90 -10.88
CA PRO D 142 36.09 16.07 -11.34
C PRO D 142 36.46 17.05 -10.23
N HIS D 143 35.84 16.93 -9.06
CA HIS D 143 36.09 17.86 -7.97
C HIS D 143 36.94 17.23 -6.86
N HIS D 144 37.36 15.98 -7.07
CA HIS D 144 38.02 15.22 -6.03
C HIS D 144 39.47 14.92 -6.37
N GLY D 145 40.33 14.99 -5.36
CA GLY D 145 41.73 14.62 -5.53
C GLY D 145 41.91 13.12 -5.73
N TRP D 146 43.09 12.74 -6.23
CA TRP D 146 43.37 11.34 -6.52
C TRP D 146 43.06 10.36 -5.38
N ALA D 147 43.49 10.70 -4.16
CA ALA D 147 43.28 9.82 -3.03
C ALA D 147 41.80 9.58 -2.77
N ILE D 148 40.98 10.63 -2.91
CA ILE D 148 39.54 10.51 -2.72
C ILE D 148 38.95 9.61 -3.82
N ARG D 149 39.30 9.90 -5.07
CA ARG D 149 38.82 9.09 -6.19
CA ARG D 149 38.83 9.10 -6.19
C ARG D 149 39.20 7.62 -6.03
N LYS D 150 40.42 7.37 -5.55
CA LYS D 150 40.88 5.99 -5.37
CA LYS D 150 40.90 6.00 -5.36
C LYS D 150 40.07 5.29 -4.29
N ALA D 151 39.82 5.99 -3.18
CA ALA D 151 39.01 5.41 -2.10
C ALA D 151 37.59 5.13 -2.58
N VAL D 152 37.04 6.04 -3.38
CA VAL D 152 35.69 5.81 -3.90
C VAL D 152 35.66 4.57 -4.80
N SER D 153 36.64 4.49 -5.69
CA SER D 153 36.73 3.36 -6.61
C SER D 153 36.81 2.01 -5.86
N LEU D 154 37.62 1.95 -4.80
CA LEU D 154 37.72 0.72 -4.00
C LEU D 154 36.39 0.40 -3.29
N GLY D 155 35.67 1.44 -2.89
CA GLY D 155 34.40 1.26 -2.21
C GLY D 155 33.27 0.79 -3.11
N MET D 156 33.46 0.91 -4.42
CA MET D 156 32.42 0.52 -5.37
C MET D 156 32.17 -0.99 -5.29
N TYR D 157 33.16 -1.73 -4.84
CA TYR D 157 33.00 -3.17 -4.67
C TYR D 157 32.13 -3.53 -3.46
N ALA D 158 31.79 -2.52 -2.66
CA ALA D 158 31.00 -2.71 -1.43
C ALA D 158 29.64 -2.02 -1.48
N LEU D 159 29.13 -1.76 -2.68
CA LEU D 159 27.80 -1.20 -2.82
C LEU D 159 26.73 -2.19 -2.44
N PRO D 160 25.57 -1.70 -2.00
CA PRO D 160 24.40 -2.57 -1.87
C PRO D 160 23.98 -3.08 -3.24
N THR D 161 23.39 -4.25 -3.33
CA THR D 161 22.77 -4.68 -4.58
C THR D 161 21.52 -3.83 -4.79
N ARG D 162 20.96 -3.92 -5.98
CA ARG D 162 19.70 -3.23 -6.24
C ARG D 162 18.65 -3.69 -5.25
N ALA D 163 18.57 -4.98 -5.00
CA ALA D 163 17.54 -5.47 -4.08
C ALA D 163 17.76 -4.94 -2.66
N HIS D 164 19.02 -4.86 -2.23
CA HIS D 164 19.33 -4.33 -0.90
C HIS D 164 18.84 -2.90 -0.78
N LEU D 165 19.10 -2.11 -1.83
CA LEU D 165 18.74 -0.70 -1.81
C LEU D 165 17.23 -0.54 -1.74
N LEU D 166 16.50 -1.33 -2.55
CA LEU D 166 15.04 -1.26 -2.50
C LEU D 166 14.52 -1.60 -1.10
N ASN D 167 15.09 -2.62 -0.49
CA ASN D 167 14.75 -2.94 0.91
C ASN D 167 15.02 -1.80 1.89
N MET D 168 16.18 -1.18 1.78
CA MET D 168 16.49 -0.03 2.63
C MET D 168 15.45 1.07 2.46
N LEU D 169 15.01 1.26 1.22
CA LEU D 169 14.07 2.33 0.89
C LEU D 169 12.62 1.88 1.08
N LYS D 170 12.44 0.62 1.42
CA LYS D 170 11.12 0.05 1.69
C LYS D 170 10.17 0.14 0.49
N GLU D 171 10.69 -0.16 -0.70
CA GLU D 171 9.87 -0.11 -1.91
C GLU D 171 10.05 -1.37 -2.74
N ASP D 172 9.06 -1.72 -3.57
CA ASP D 172 9.30 -2.73 -4.60
C ASP D 172 9.76 -2.05 -5.89
N GLU D 173 10.07 -2.83 -6.92
CA GLU D 173 10.60 -2.27 -8.17
C GLU D 173 9.71 -1.20 -8.76
N ALA D 174 8.41 -1.48 -8.83
CA ALA D 174 7.47 -0.60 -9.53
C ALA D 174 7.35 0.75 -8.83
N ALA D 175 7.21 0.72 -7.51
CA ALA D 175 7.03 1.93 -6.72
C ALA D 175 8.30 2.77 -6.70
N ALA D 176 9.45 2.13 -6.57
CA ALA D 176 10.72 2.85 -6.56
C ALA D 176 10.95 3.58 -7.90
N LYS D 177 10.59 2.92 -8.99
CA LYS D 177 10.75 3.51 -10.31
C LYS D 177 9.93 4.79 -10.41
N ILE D 178 8.67 4.71 -10.00
CA ILE D 178 7.79 5.86 -10.04
C ILE D 178 8.39 7.03 -9.27
N HIS D 179 8.84 6.76 -8.04
CA HIS D 179 9.31 7.85 -7.21
C HIS D 179 10.70 8.33 -7.57
N MET D 180 11.55 7.43 -8.03
CA MET D 180 12.85 7.85 -8.57
C MET D 180 12.64 8.72 -9.79
N GLN D 181 11.72 8.29 -10.67
CA GLN D 181 11.46 9.07 -11.88
C GLN D 181 10.89 10.44 -11.53
N SER D 182 10.05 10.51 -10.50
CA SER D 182 9.50 11.79 -10.07
C SER D 182 10.61 12.75 -9.63
N TYR D 183 11.54 12.25 -8.81
CA TYR D 183 12.67 13.07 -8.41
C TYR D 183 13.51 13.52 -9.61
N VAL D 184 13.70 12.64 -10.58
CA VAL D 184 14.47 12.99 -11.78
C VAL D 184 13.76 14.13 -12.51
N ASN D 185 12.44 14.02 -12.61
CA ASN D 185 11.64 15.06 -13.27
C ASN D 185 11.72 16.41 -12.55
N SER D 186 11.63 16.36 -11.22
CA SER D 186 11.55 17.57 -10.42
C SER D 186 12.90 18.25 -10.19
N SER D 187 13.96 17.46 -10.06
CA SER D 187 15.26 18.03 -9.73
C SER D 187 15.91 18.70 -10.94
N ALA D 188 15.53 18.28 -12.15
CA ALA D 188 16.10 18.87 -13.36
C ALA D 188 15.86 20.39 -13.43
N PRO D 189 14.60 20.83 -13.34
CA PRO D 189 14.40 22.29 -13.38
C PRO D 189 15.00 23.00 -12.17
N LEU D 190 15.00 22.36 -11.01
CA LEU D 190 15.57 23.00 -9.82
C LEU D 190 17.07 23.25 -10.01
N ILE D 191 17.76 22.23 -10.52
CA ILE D 191 19.19 22.35 -10.80
C ILE D 191 19.45 23.47 -11.80
N THR D 192 18.60 23.57 -12.83
CA THR D 192 18.73 24.64 -13.80
C THR D 192 18.55 26.00 -13.12
N TYR D 193 17.53 26.09 -12.26
CA TYR D 193 17.28 27.32 -11.53
C TYR D 193 18.49 27.70 -10.66
N LEU D 194 19.04 26.72 -9.96
CA LEU D 194 20.21 26.94 -9.10
C LEU D 194 21.42 27.40 -9.91
N ASP D 195 21.64 26.77 -11.06
CA ASP D 195 22.72 27.18 -11.96
C ASP D 195 22.54 28.62 -12.39
N ASN D 196 21.29 29.00 -12.64
CA ASN D 196 20.98 30.31 -13.19
C ASN D 196 21.04 31.42 -12.14
N LEU D 197 20.98 31.06 -10.86
CA LEU D 197 21.19 32.02 -9.79
C LEU D 197 22.62 32.55 -9.88
N PHE D 198 23.54 31.65 -10.22
CA PHE D 198 24.95 31.99 -10.35
C PHE D 198 25.24 32.64 -11.70
N LEU D 199 24.67 32.09 -12.76
CA LEU D 199 24.92 32.56 -14.13
C LEU D 199 24.48 34.00 -14.37
N SER D 200 23.28 34.34 -13.90
CA SER D 200 22.78 35.71 -14.01
C SER D 200 23.74 36.69 -13.32
N LYS D 201 24.75 36.14 -12.64
CA LYS D 201 25.87 36.91 -12.08
C LYS D 201 25.39 38.08 -11.23
NA NA E . -17.37 36.02 -14.13
#